data_2WEK
#
_entry.id   2WEK
#
_cell.length_a   46.834
_cell.length_b   51.572
_cell.length_c   75.716
_cell.angle_alpha   94.61
_cell.angle_beta   91.54
_cell.angle_gamma   101.72
#
_symmetry.space_group_name_H-M   'P 1'
#
loop_
_entity.id
_entity.type
_entity.pdbx_description
1 polymer 'ZINC-BINDING ALCOHOL DEHYDROGENASE DOMAIN-CONTAINING PROTEIN 2'
2 non-polymer 'NADP NICOTINAMIDE-ADENINE-DINUCLEOTIDE PHOSPHATE'
3 non-polymer '2-[2,6-DICHLOROPHENYL)AMINO]BENZENEACETIC ACID'
4 non-polymer 'PHOSPHATE ION'
5 non-polymer 'CHLORIDE ION'
6 non-polymer GLYCEROL
7 water water
#
_entity_poly.entity_id   1
_entity_poly.type   'polypeptide(L)'
_entity_poly.pdbx_seq_one_letter_code
;SMMQKLVVTRLSPNFREAVTLSRDCPVPLPGDGDLLVRNRFVGVNASDINYSAGRYDPSVKPPFDIGFEGIGEVVALGLS
ASARYTVGQAVAYMAPGSFAEYTVVPASIATPVPSVKPEYLTLLVSGTTAYISLKELGGLSEGKKVLVTAAAGGTGQFAM
QLSKKAKCHVIGTCSSDEKSAFLKSLGCDRPINYKTEPVGTVLKQEYPEGVDVVYESVGGAMFDLAVDALATKGRLIVIG
FISGYQTPTGLSPVKAGTLPAKLLKKSASVQGFFLNHYLSKYQAAMSHLLEMCVSGDLVCEVDLGDLSPEGRFTGLESIF
RAVNYMYMGKNTGKIVVELPH
;
_entity_poly.pdbx_strand_id   A,B
#
# COMPACT_ATOMS: atom_id res chain seq x y z
N SER A 1 12.37 -26.91 4.15
CA SER A 1 13.68 -26.34 4.61
C SER A 1 13.75 -24.79 4.73
N MET A 2 13.19 -24.08 3.75
CA MET A 2 13.08 -22.61 3.76
C MET A 2 11.62 -22.21 3.59
N MET A 3 11.23 -21.03 4.06
CA MET A 3 9.83 -20.59 3.97
C MET A 3 9.69 -19.07 3.87
N GLN A 4 8.46 -18.65 3.59
CA GLN A 4 8.07 -17.25 3.62
C GLN A 4 7.40 -16.90 4.94
N LYS A 5 7.64 -15.68 5.43
CA LYS A 5 6.81 -15.11 6.48
C LYS A 5 6.78 -13.58 6.45
N LEU A 6 5.79 -13.00 7.13
CA LEU A 6 5.71 -11.57 7.26
C LEU A 6 6.42 -11.20 8.54
N VAL A 7 7.17 -10.11 8.46
CA VAL A 7 7.97 -9.62 9.58
C VAL A 7 7.75 -8.09 9.70
N VAL A 8 7.47 -7.61 10.90
CA VAL A 8 7.42 -6.16 11.17
C VAL A 8 8.86 -5.67 11.24
N THR A 9 9.28 -4.85 10.27
CA THR A 9 10.64 -4.35 10.14
C THR A 9 10.74 -2.89 10.54
N ARG A 10 9.60 -2.20 10.63
CA ARG A 10 9.58 -0.81 11.11
C ARG A 10 8.23 -0.57 11.76
N LEU A 11 8.21 0.17 12.87
CA LEU A 11 6.96 0.36 13.63
C LEU A 11 6.08 1.40 12.93
N SER A 12 4.87 1.02 12.61
CA SER A 12 3.94 1.94 11.98
C SER A 12 2.56 1.30 11.90
N PRO A 13 1.49 2.11 12.03
CA PRO A 13 0.11 1.64 11.79
C PRO A 13 -0.25 1.44 10.31
N ASN A 14 0.64 1.86 9.42
CA ASN A 14 0.51 1.58 8.00
C ASN A 14 1.17 0.22 7.75
N PHE A 15 0.34 -0.79 7.63
CA PHE A 15 0.76 -2.17 7.61
C PHE A 15 1.76 -2.43 6.48
N ARG A 16 1.43 -1.93 5.30
CA ARG A 16 2.33 -2.07 4.15
C ARG A 16 3.72 -1.45 4.39
N GLU A 17 3.78 -0.30 5.07
CA GLU A 17 5.07 0.35 5.31
C GLU A 17 5.82 -0.26 6.52
N ALA A 18 5.09 -1.00 7.36
CA ALA A 18 5.67 -1.63 8.55
C ALA A 18 6.19 -3.03 8.32
N VAL A 19 5.45 -3.78 7.49
CA VAL A 19 5.63 -5.22 7.39
C VAL A 19 6.32 -5.58 6.07
N THR A 20 7.33 -6.44 6.16
CA THR A 20 8.06 -7.00 5.00
C THR A 20 7.78 -8.49 4.87
N LEU A 21 7.65 -8.96 3.62
CA LEU A 21 7.57 -10.40 3.31
C LEU A 21 9.01 -10.90 3.12
N SER A 22 9.52 -11.72 4.05
CA SER A 22 10.85 -12.36 3.86
C SER A 22 10.63 -13.67 3.14
N ARG A 23 11.47 -13.95 2.14
CA ARG A 23 11.25 -15.10 1.24
C ARG A 23 12.07 -16.35 1.56
N ASP A 24 13.21 -16.18 2.24
CA ASP A 24 14.12 -17.31 2.44
C ASP A 24 14.36 -17.63 3.92
N CYS A 25 13.29 -17.59 4.71
CA CYS A 25 13.41 -17.85 6.17
C CYS A 25 13.57 -19.33 6.48
N PRO A 26 14.43 -19.67 7.45
CA PRO A 26 14.45 -21.06 7.89
C PRO A 26 13.11 -21.46 8.51
N VAL A 27 12.68 -22.69 8.29
CA VAL A 27 11.52 -23.25 8.98
C VAL A 27 11.95 -23.52 10.44
N PRO A 28 11.24 -22.95 11.41
CA PRO A 28 11.57 -23.23 12.79
C PRO A 28 11.22 -24.69 13.20
N LEU A 29 11.99 -25.22 14.13
CA LEU A 29 11.80 -26.57 14.63
C LEU A 29 11.10 -26.58 15.99
N PRO A 30 10.13 -27.49 16.19
CA PRO A 30 9.45 -27.56 17.49
C PRO A 30 10.35 -28.09 18.61
N GLY A 31 10.27 -27.49 19.80
CA GLY A 31 10.86 -28.06 21.02
C GLY A 31 9.99 -29.18 21.61
N ASP A 32 10.43 -29.73 22.74
CA ASP A 32 9.79 -30.91 23.34
C ASP A 32 8.25 -30.79 23.47
N GLY A 33 7.75 -29.60 23.84
CA GLY A 33 6.34 -29.39 24.13
C GLY A 33 5.58 -28.70 23.03
N ASP A 34 6.17 -28.63 21.84
CA ASP A 34 5.69 -27.79 20.75
C ASP A 34 5.18 -28.58 19.57
N LEU A 35 4.23 -27.97 18.88
CA LEU A 35 3.77 -28.38 17.57
C LEU A 35 4.40 -27.49 16.52
N LEU A 36 4.77 -28.05 15.38
CA LEU A 36 5.04 -27.26 14.18
C LEU A 36 3.84 -27.38 13.26
N VAL A 37 3.14 -26.27 13.05
CA VAL A 37 1.90 -26.22 12.27
C VAL A 37 2.11 -25.60 10.90
N ARG A 38 1.68 -26.31 9.85
CA ARG A 38 1.67 -25.71 8.53
C ARG A 38 0.33 -25.00 8.36
N ASN A 39 0.38 -23.67 8.31
CA ASN A 39 -0.83 -22.87 8.30
C ASN A 39 -1.53 -23.01 6.96
N ARG A 40 -2.83 -23.28 6.99
CA ARG A 40 -3.64 -23.29 5.77
C ARG A 40 -4.52 -22.06 5.67
N PHE A 41 -5.07 -21.59 6.79
CA PHE A 41 -5.79 -20.32 6.85
C PHE A 41 -5.27 -19.52 8.02
N VAL A 42 -5.19 -18.20 7.82
CA VAL A 42 -4.76 -17.28 8.85
C VAL A 42 -5.78 -16.14 8.94
N GLY A 43 -5.95 -15.63 10.14
CA GLY A 43 -6.93 -14.57 10.38
C GLY A 43 -6.32 -13.19 10.28
N VAL A 44 -7.08 -12.30 9.69
CA VAL A 44 -6.70 -10.90 9.66
C VAL A 44 -7.57 -10.20 10.71
N ASN A 45 -6.90 -9.46 11.58
CA ASN A 45 -7.50 -8.77 12.72
C ASN A 45 -7.24 -7.27 12.69
N ALA A 46 -8.26 -6.46 13.06
CA ALA A 46 -8.13 -5.01 13.03
C ALA A 46 -6.83 -4.58 13.73
N SER A 47 -6.55 -5.19 14.87
CA SER A 47 -5.35 -4.86 15.64
C SER A 47 -4.02 -5.39 15.12
N ASP A 48 -4.02 -6.07 13.97
CA ASP A 48 -2.74 -6.29 13.29
C ASP A 48 -1.98 -4.95 13.08
N ILE A 49 -2.70 -3.87 12.79
CA ILE A 49 -2.01 -2.57 12.62
C ILE A 49 -1.62 -1.89 13.92
N ASN A 50 -2.33 -2.16 15.01
CA ASN A 50 -1.85 -1.75 16.34
C ASN A 50 -0.59 -2.54 16.69
N TYR A 51 -0.54 -3.81 16.29
CA TYR A 51 0.63 -4.64 16.55
C TYR A 51 1.84 -4.15 15.79
N SER A 52 1.65 -3.90 14.50
CA SER A 52 2.71 -3.39 13.65
C SER A 52 3.17 -1.97 14.08
N ALA A 53 2.26 -1.17 14.66
CA ALA A 53 2.64 0.15 15.20
C ALA A 53 3.47 0.07 16.46
N GLY A 54 3.49 -1.10 17.11
CA GLY A 54 4.32 -1.32 18.30
C GLY A 54 3.53 -1.01 19.57
N ARG A 55 2.20 -0.97 19.47
CA ARG A 55 1.36 -0.45 20.56
C ARG A 55 1.10 -1.49 21.65
N TYR A 56 1.28 -2.77 21.34
CA TYR A 56 1.03 -3.80 22.36
C TYR A 56 2.08 -3.71 23.46
N ASP A 57 3.35 -3.73 23.07
CA ASP A 57 4.46 -3.54 24.01
C ASP A 57 5.48 -2.60 23.40
N PRO A 58 5.41 -1.30 23.76
CA PRO A 58 6.27 -0.25 23.20
C PRO A 58 7.77 -0.41 23.49
N SER A 59 8.13 -1.30 24.41
CA SER A 59 9.56 -1.56 24.71
C SER A 59 10.23 -2.46 23.64
N VAL A 60 9.44 -3.22 22.89
CA VAL A 60 9.95 -4.18 21.89
C VAL A 60 10.18 -3.56 20.50
N LYS A 61 11.39 -3.73 20.00
CA LYS A 61 11.81 -3.15 18.73
C LYS A 61 11.70 -4.21 17.62
N PRO A 62 11.44 -3.78 16.37
CA PRO A 62 11.50 -4.73 15.27
C PRO A 62 12.90 -5.30 15.12
N PRO A 63 13.03 -6.47 14.47
CA PRO A 63 11.97 -7.27 13.81
C PRO A 63 11.12 -8.14 14.73
N PHE A 64 9.84 -8.34 14.41
CA PHE A 64 9.11 -9.35 15.12
C PHE A 64 8.01 -9.90 14.23
N ASP A 65 7.53 -11.07 14.63
CA ASP A 65 6.54 -11.81 13.86
C ASP A 65 5.16 -11.21 14.08
N ILE A 66 4.22 -11.62 13.26
CA ILE A 66 2.93 -10.94 13.24
C ILE A 66 1.87 -11.94 12.82
N GLY A 67 0.62 -11.62 13.12
CA GLY A 67 -0.50 -12.52 12.83
C GLY A 67 -0.83 -13.26 14.11
N PHE A 68 -2.12 -13.23 14.48
CA PHE A 68 -2.54 -13.71 15.79
C PHE A 68 -3.17 -15.09 15.83
N GLU A 69 -3.59 -15.63 14.67
CA GLU A 69 -4.34 -16.87 14.65
C GLU A 69 -4.12 -17.64 13.36
N GLY A 70 -4.23 -18.96 13.47
CA GLY A 70 -3.91 -19.89 12.40
C GLY A 70 -4.68 -21.18 12.59
N ILE A 71 -4.90 -21.89 11.49
CA ILE A 71 -5.42 -23.21 11.48
C ILE A 71 -4.68 -24.00 10.39
N GLY A 72 -4.38 -25.26 10.66
CA GLY A 72 -3.61 -26.09 9.74
C GLY A 72 -3.27 -27.47 10.31
N GLU A 73 -2.27 -28.10 9.72
CA GLU A 73 -1.92 -29.49 10.03
C GLU A 73 -0.63 -29.49 10.83
N VAL A 74 -0.58 -30.31 11.86
CA VAL A 74 0.70 -30.67 12.53
C VAL A 74 1.59 -31.45 11.55
N VAL A 75 2.75 -30.89 11.22
CA VAL A 75 3.71 -31.56 10.35
C VAL A 75 4.93 -32.05 11.14
N ALA A 76 5.13 -31.55 12.36
CA ALA A 76 6.11 -32.12 13.26
C ALA A 76 5.78 -31.69 14.69
N LEU A 77 6.31 -32.43 15.67
CA LEU A 77 6.05 -32.14 17.08
C LEU A 77 7.07 -32.77 17.97
N GLY A 78 7.25 -32.17 19.14
CA GLY A 78 8.17 -32.69 20.16
C GLY A 78 7.58 -33.95 20.79
N LEU A 79 8.44 -34.72 21.43
CA LEU A 79 8.07 -36.01 22.02
C LEU A 79 6.95 -35.87 23.07
N SER A 80 7.08 -34.88 23.96
CA SER A 80 6.03 -34.62 24.94
C SER A 80 4.71 -34.22 24.28
N ALA A 81 4.76 -33.35 23.28
CA ALA A 81 3.53 -32.94 22.56
C ALA A 81 2.83 -34.14 21.90
N SER A 82 3.60 -35.18 21.57
CA SER A 82 3.08 -36.33 20.85
C SER A 82 2.17 -37.22 21.70
N ALA A 83 2.16 -37.02 23.03
CA ALA A 83 1.19 -37.71 23.88
C ALA A 83 -0.26 -37.24 23.59
N ARG A 84 -0.47 -35.96 23.31
CA ARG A 84 -1.83 -35.45 23.01
C ARG A 84 -2.09 -35.28 21.51
N TYR A 85 -1.03 -35.07 20.73
CA TYR A 85 -1.15 -34.70 19.33
C TYR A 85 -0.36 -35.64 18.44
N THR A 86 -0.73 -35.67 17.16
CA THR A 86 -0.06 -36.54 16.19
C THR A 86 0.15 -35.80 14.87
N VAL A 87 1.18 -36.21 14.13
CA VAL A 87 1.43 -35.67 12.80
C VAL A 87 0.20 -35.88 11.89
N GLY A 88 -0.13 -34.85 11.12
CA GLY A 88 -1.30 -34.86 10.26
C GLY A 88 -2.58 -34.32 10.89
N GLN A 89 -2.58 -34.10 12.21
CA GLN A 89 -3.79 -33.65 12.92
C GLN A 89 -4.18 -32.21 12.59
N ALA A 90 -5.47 -31.94 12.42
CA ALA A 90 -5.96 -30.58 12.25
C ALA A 90 -5.97 -29.85 13.60
N VAL A 91 -5.20 -28.73 13.71
CA VAL A 91 -5.19 -27.88 14.89
C VAL A 91 -5.33 -26.36 14.56
N ALA A 92 -5.94 -25.64 15.49
CA ALA A 92 -6.02 -24.19 15.39
C ALA A 92 -5.38 -23.58 16.65
N TYR A 93 -4.92 -22.35 16.54
CA TYR A 93 -4.24 -21.70 17.65
C TYR A 93 -4.37 -20.19 17.57
N MET A 94 -4.38 -19.56 18.73
CA MET A 94 -4.22 -18.12 18.86
C MET A 94 -2.83 -17.86 19.48
N ALA A 95 -1.92 -17.31 18.68
CA ALA A 95 -0.60 -16.96 19.15
C ALA A 95 0.07 -16.07 18.09
N PRO A 96 1.01 -15.20 18.51
CA PRO A 96 1.67 -14.31 17.58
C PRO A 96 2.54 -15.07 16.59
N GLY A 97 2.45 -14.70 15.33
CA GLY A 97 3.32 -15.27 14.32
C GLY A 97 2.62 -16.24 13.40
N SER A 98 1.29 -16.18 13.33
CA SER A 98 0.58 -16.95 12.33
C SER A 98 0.83 -16.58 10.87
N PHE A 99 1.32 -15.36 10.58
CA PHE A 99 1.60 -14.94 9.19
C PHE A 99 2.95 -15.50 8.70
N ALA A 100 2.95 -16.81 8.48
CA ALA A 100 4.12 -17.59 8.10
C ALA A 100 3.59 -18.90 7.52
N GLU A 101 4.38 -19.56 6.69
CA GLU A 101 3.94 -20.84 6.14
C GLU A 101 3.90 -21.90 7.24
N TYR A 102 4.86 -21.81 8.16
CA TYR A 102 4.95 -22.69 9.32
C TYR A 102 5.16 -21.87 10.58
N THR A 103 4.45 -22.24 11.65
CA THR A 103 4.56 -21.59 12.95
C THR A 103 4.69 -22.62 14.06
N VAL A 104 5.69 -22.43 14.92
CA VAL A 104 5.82 -23.21 16.15
C VAL A 104 4.74 -22.75 17.17
N VAL A 105 3.98 -23.70 17.70
CA VAL A 105 2.91 -23.42 18.67
C VAL A 105 3.04 -24.39 19.87
N PRO A 106 3.14 -23.87 21.11
CA PRO A 106 3.21 -24.84 22.22
C PRO A 106 1.94 -25.70 22.29
N ALA A 107 2.08 -27.00 22.51
CA ALA A 107 0.92 -27.90 22.49
C ALA A 107 -0.14 -27.45 23.49
N SER A 108 0.32 -26.92 24.61
CA SER A 108 -0.54 -26.47 25.69
C SER A 108 -1.59 -25.44 25.28
N ILE A 109 -1.35 -24.70 24.20
CA ILE A 109 -2.31 -23.65 23.77
C ILE A 109 -3.02 -24.00 22.46
N ALA A 110 -2.71 -25.14 21.86
CA ALA A 110 -3.43 -25.56 20.64
C ALA A 110 -4.89 -25.94 20.93
N THR A 111 -5.76 -25.76 19.95
CA THR A 111 -7.14 -26.18 20.03
C THR A 111 -7.35 -27.25 18.95
N PRO A 112 -7.59 -28.50 19.35
CA PRO A 112 -7.92 -29.50 18.35
C PRO A 112 -9.22 -29.11 17.63
N VAL A 113 -9.29 -29.39 16.34
CA VAL A 113 -10.46 -29.08 15.55
C VAL A 113 -10.79 -30.29 14.68
N PRO A 114 -12.06 -30.38 14.23
CA PRO A 114 -12.52 -31.51 13.40
C PRO A 114 -11.81 -31.65 12.06
N SER A 115 -11.62 -30.54 11.36
CA SER A 115 -10.84 -30.53 10.14
C SER A 115 -10.32 -29.13 9.91
N VAL A 116 -9.55 -28.95 8.84
CA VAL A 116 -8.92 -27.65 8.59
C VAL A 116 -9.93 -26.89 7.75
N LYS A 117 -10.82 -26.15 8.41
CA LYS A 117 -11.82 -25.30 7.73
C LYS A 117 -11.71 -23.87 8.28
N PRO A 118 -11.89 -22.89 7.40
CA PRO A 118 -11.79 -21.51 7.88
C PRO A 118 -12.90 -21.10 8.88
N GLU A 119 -14.05 -21.76 8.83
CA GLU A 119 -15.11 -21.50 9.80
C GLU A 119 -14.64 -21.69 11.24
N TYR A 120 -13.78 -22.68 11.47
CA TYR A 120 -13.32 -22.91 12.84
C TYR A 120 -12.40 -21.81 13.30
N LEU A 121 -11.64 -21.26 12.36
CA LEU A 121 -10.72 -20.19 12.70
C LEU A 121 -11.47 -18.93 13.10
N THR A 122 -12.65 -18.68 12.56
CA THR A 122 -13.43 -17.50 12.93
C THR A 122 -13.70 -17.47 14.46
N LEU A 123 -13.68 -18.64 15.10
CA LEU A 123 -14.04 -18.78 16.51
C LEU A 123 -12.93 -18.35 17.46
N LEU A 124 -11.70 -18.42 16.99
CA LEU A 124 -10.51 -18.35 17.86
C LEU A 124 -10.32 -17.01 18.60
N VAL A 125 -10.55 -15.94 17.88
CA VAL A 125 -10.36 -14.58 18.39
C VAL A 125 -11.70 -13.85 18.27
N SER A 126 -12.26 -13.85 17.07
CA SER A 126 -13.52 -13.12 16.85
C SER A 126 -14.66 -13.72 17.73
N GLY A 127 -14.77 -15.03 17.74
CA GLY A 127 -15.87 -15.70 18.46
C GLY A 127 -15.69 -15.61 19.96
N THR A 128 -14.49 -15.94 20.42
CA THR A 128 -14.21 -15.91 21.84
C THR A 128 -14.32 -14.51 22.43
N THR A 129 -13.95 -13.46 21.67
CA THR A 129 -14.08 -12.09 22.19
C THR A 129 -15.53 -11.77 22.41
N ALA A 130 -16.39 -12.08 21.43
CA ALA A 130 -17.80 -11.79 21.60
C ALA A 130 -18.38 -12.59 22.77
N TYR A 131 -18.01 -13.86 22.87
CA TYR A 131 -18.57 -14.77 23.87
C TYR A 131 -18.20 -14.38 25.30
N ILE A 132 -16.90 -14.22 25.52
CA ILE A 132 -16.42 -13.97 26.83
C ILE A 132 -16.86 -12.58 27.33
N SER A 133 -16.72 -11.57 26.48
CA SER A 133 -17.11 -10.21 26.88
C SER A 133 -18.57 -10.17 27.25
N LEU A 134 -19.41 -10.76 26.42
CA LEU A 134 -20.86 -10.71 26.67
C LEU A 134 -21.29 -11.54 27.92
N LYS A 135 -20.70 -12.71 28.11
CA LYS A 135 -21.02 -13.57 29.24
C LYS A 135 -20.56 -12.97 30.56
N GLU A 136 -19.33 -12.45 30.58
CA GLU A 136 -18.75 -11.86 31.78
C GLU A 136 -19.25 -10.44 32.11
N LEU A 137 -19.45 -9.59 31.10
CA LEU A 137 -19.75 -8.15 31.29
C LEU A 137 -21.12 -7.70 30.79
N GLY A 138 -21.82 -8.55 30.04
CA GLY A 138 -23.08 -8.15 29.41
C GLY A 138 -24.33 -8.09 30.30
N GLY A 139 -24.43 -9.01 31.26
CA GLY A 139 -25.65 -9.18 32.04
C GLY A 139 -26.89 -9.41 31.15
N LEU A 140 -26.69 -10.13 30.06
CA LEU A 140 -27.74 -10.39 29.12
C LEU A 140 -28.83 -11.26 29.75
N SER A 141 -30.06 -10.97 29.42
CA SER A 141 -31.19 -11.77 29.85
C SER A 141 -32.28 -11.37 28.91
N GLU A 142 -33.37 -12.11 28.95
CA GLU A 142 -34.46 -11.96 28.00
C GLU A 142 -35.04 -10.54 27.93
N GLY A 143 -35.14 -10.00 26.73
CA GLY A 143 -35.78 -8.70 26.54
C GLY A 143 -34.83 -7.51 26.62
N LYS A 144 -33.58 -7.72 27.05
CA LYS A 144 -32.62 -6.65 27.00
C LYS A 144 -32.36 -6.20 25.54
N LYS A 145 -32.17 -4.91 25.37
CA LYS A 145 -31.78 -4.34 24.08
C LYS A 145 -30.30 -4.21 23.95
N VAL A 146 -29.79 -4.81 22.87
CA VAL A 146 -28.36 -4.86 22.62
C VAL A 146 -28.05 -4.15 21.31
N LEU A 147 -27.12 -3.19 21.36
CA LEU A 147 -26.63 -2.55 20.11
C LEU A 147 -25.24 -3.04 19.78
N VAL A 148 -25.07 -3.57 18.57
CA VAL A 148 -23.75 -4.08 18.14
C VAL A 148 -23.27 -3.22 16.95
N THR A 149 -22.07 -2.68 17.07
CA THR A 149 -21.46 -1.88 16.01
C THR A 149 -20.46 -2.74 15.25
N ALA A 150 -20.10 -2.38 14.01
CA ALA A 150 -19.35 -3.33 13.12
C ALA A 150 -20.04 -4.73 13.18
N ALA A 151 -21.37 -4.73 13.09
CA ALA A 151 -22.19 -5.93 13.39
C ALA A 151 -22.07 -7.01 12.34
N ALA A 152 -21.68 -6.62 11.12
CA ALA A 152 -21.55 -7.58 10.04
C ALA A 152 -20.11 -8.03 9.88
N GLY A 153 -19.26 -7.62 10.81
CA GLY A 153 -17.86 -8.00 10.78
C GLY A 153 -17.50 -9.29 11.52
N GLY A 154 -16.19 -9.47 11.70
CA GLY A 154 -15.65 -10.73 12.24
C GLY A 154 -16.19 -11.11 13.63
N THR A 155 -16.02 -10.22 14.61
CA THR A 155 -16.55 -10.45 15.93
C THR A 155 -18.04 -10.03 16.06
N GLY A 156 -18.45 -9.03 15.30
CA GLY A 156 -19.80 -8.50 15.35
C GLY A 156 -20.83 -9.55 15.05
N GLN A 157 -20.57 -10.40 14.06
CA GLN A 157 -21.52 -11.45 13.71
C GLN A 157 -21.82 -12.39 14.89
N PHE A 158 -20.85 -12.57 15.77
CA PHE A 158 -21.04 -13.42 16.91
C PHE A 158 -21.71 -12.70 18.04
N ALA A 159 -21.33 -11.44 18.28
CA ALA A 159 -22.02 -10.65 19.34
C ALA A 159 -23.53 -10.62 18.99
N MET A 160 -23.81 -10.38 17.73
CA MET A 160 -25.21 -10.43 17.24
C MET A 160 -25.90 -11.77 17.60
N GLN A 161 -25.35 -12.88 17.13
CA GLN A 161 -25.99 -14.18 17.28
C GLN A 161 -26.08 -14.66 18.74
N LEU A 162 -25.01 -14.47 19.52
CA LEU A 162 -25.05 -14.84 20.93
C LEU A 162 -26.12 -14.02 21.69
N SER A 163 -26.21 -12.73 21.39
CA SER A 163 -27.21 -11.88 22.05
C SER A 163 -28.63 -12.39 21.70
N LYS A 164 -28.85 -12.74 20.44
CA LYS A 164 -30.14 -13.32 20.04
C LYS A 164 -30.41 -14.63 20.77
N LYS A 165 -29.38 -15.47 20.94
CA LYS A 165 -29.56 -16.75 21.66
C LYS A 165 -29.87 -16.54 23.15
N ALA A 166 -29.36 -15.43 23.71
CA ALA A 166 -29.71 -14.96 25.09
C ALA A 166 -31.07 -14.26 25.17
N LYS A 167 -31.86 -14.36 24.09
CA LYS A 167 -33.22 -13.81 24.02
C LYS A 167 -33.32 -12.28 24.12
N CYS A 168 -32.29 -11.60 23.62
CA CYS A 168 -32.25 -10.15 23.58
C CYS A 168 -32.78 -9.60 22.28
N HIS A 169 -33.20 -8.34 22.33
CA HIS A 169 -33.59 -7.58 21.13
C HIS A 169 -32.32 -6.90 20.63
N VAL A 170 -31.96 -7.15 19.37
CA VAL A 170 -30.65 -6.76 18.87
C VAL A 170 -30.68 -5.82 17.65
N ILE A 171 -29.93 -4.73 17.80
CA ILE A 171 -29.76 -3.69 16.78
C ILE A 171 -28.33 -3.81 16.27
N GLY A 172 -28.14 -3.76 14.96
CA GLY A 172 -26.79 -3.89 14.40
C GLY A 172 -26.49 -2.79 13.39
N THR A 173 -25.33 -2.14 13.52
CA THR A 173 -24.93 -1.14 12.54
C THR A 173 -24.00 -1.74 11.50
N CYS A 174 -24.14 -1.32 10.25
CA CYS A 174 -23.21 -1.74 9.18
C CYS A 174 -23.20 -0.70 8.08
N SER A 175 -22.34 -0.87 7.07
CA SER A 175 -22.16 0.17 6.04
C SER A 175 -22.76 -0.11 4.66
N SER A 176 -23.63 -1.10 4.51
CA SER A 176 -24.23 -1.38 3.20
C SER A 176 -25.49 -2.17 3.33
N ASP A 177 -26.29 -2.16 2.27
CA ASP A 177 -27.54 -2.90 2.25
C ASP A 177 -27.31 -4.44 2.21
N GLU A 178 -26.22 -4.87 1.56
CA GLU A 178 -25.81 -6.29 1.57
C GLU A 178 -25.43 -6.76 2.96
N LYS A 179 -24.67 -5.95 3.70
CA LYS A 179 -24.43 -6.26 5.09
C LYS A 179 -25.71 -6.25 5.91
N SER A 180 -26.62 -5.30 5.66
CA SER A 180 -27.88 -5.28 6.40
C SER A 180 -28.68 -6.57 6.14
N ALA A 181 -28.67 -7.04 4.90
CA ALA A 181 -29.37 -8.30 4.53
C ALA A 181 -28.73 -9.50 5.28
N PHE A 182 -27.40 -9.49 5.43
CA PHE A 182 -26.70 -10.50 6.21
C PHE A 182 -27.12 -10.46 7.68
N LEU A 183 -27.07 -9.28 8.30
CA LEU A 183 -27.55 -9.11 9.69
C LEU A 183 -28.96 -9.65 9.90
N LYS A 184 -29.85 -9.26 9.02
CA LYS A 184 -31.20 -9.82 9.05
C LYS A 184 -31.22 -11.36 9.03
N SER A 185 -30.32 -11.97 8.24
CA SER A 185 -30.35 -13.42 8.11
C SER A 185 -29.84 -14.06 9.39
N LEU A 186 -29.07 -13.32 10.18
CA LEU A 186 -28.64 -13.76 11.51
C LEU A 186 -29.70 -13.54 12.60
N GLY A 187 -30.89 -13.07 12.23
CA GLY A 187 -31.92 -12.71 13.24
C GLY A 187 -31.87 -11.29 13.85
N CYS A 188 -31.00 -10.40 13.35
CA CYS A 188 -30.97 -9.01 13.85
C CYS A 188 -32.35 -8.36 13.81
N ASP A 189 -32.77 -7.77 14.92
CA ASP A 189 -34.10 -7.16 14.97
C ASP A 189 -34.18 -5.84 14.23
N ARG A 190 -33.09 -5.08 14.25
CA ARG A 190 -33.06 -3.77 13.60
C ARG A 190 -31.68 -3.53 12.99
N PRO A 191 -31.46 -4.01 11.75
CA PRO A 191 -30.22 -3.65 11.07
C PRO A 191 -30.21 -2.17 10.68
N ILE A 192 -29.07 -1.49 10.86
CA ILE A 192 -28.99 -0.10 10.40
C ILE A 192 -27.80 0.10 9.47
N ASN A 193 -28.08 0.55 8.25
CA ASN A 193 -27.04 1.00 7.34
C ASN A 193 -26.70 2.43 7.76
N TYR A 194 -25.61 2.62 8.49
CA TYR A 194 -25.33 3.97 8.99
C TYR A 194 -24.91 4.99 7.93
N LYS A 195 -24.62 4.54 6.71
CA LYS A 195 -24.29 5.42 5.60
C LYS A 195 -25.54 6.00 4.98
N THR A 196 -26.66 5.30 5.13
CA THR A 196 -27.90 5.72 4.47
C THR A 196 -29.04 6.11 5.42
N GLU A 197 -28.86 5.83 6.70
CA GLU A 197 -29.85 6.11 7.72
C GLU A 197 -29.10 6.66 8.95
N PRO A 198 -29.57 7.77 9.55
CA PRO A 198 -28.88 8.34 10.71
C PRO A 198 -29.13 7.55 11.99
N VAL A 199 -28.09 6.89 12.47
CA VAL A 199 -28.18 6.00 13.62
C VAL A 199 -28.72 6.70 14.87
N GLY A 200 -28.29 7.93 15.13
CA GLY A 200 -28.77 8.66 16.31
C GLY A 200 -30.28 8.90 16.31
N THR A 201 -30.82 9.17 15.14
CA THR A 201 -32.25 9.42 15.01
C THR A 201 -33.06 8.12 15.13
N VAL A 202 -32.60 7.05 14.49
CA VAL A 202 -33.20 5.73 14.64
C VAL A 202 -33.29 5.35 16.12
N LEU A 203 -32.20 5.52 16.86
CA LEU A 203 -32.16 5.15 18.27
C LEU A 203 -33.12 6.05 19.08
N LYS A 204 -33.09 7.37 18.86
CA LYS A 204 -34.00 8.26 19.58
C LYS A 204 -35.49 7.96 19.28
N GLN A 205 -35.80 7.70 18.02
CA GLN A 205 -37.20 7.47 17.63
C GLN A 205 -37.73 6.06 17.96
N GLU A 206 -36.91 5.03 17.78
CA GLU A 206 -37.37 3.65 17.96
C GLU A 206 -36.99 3.10 19.32
N TYR A 207 -36.01 3.70 20.00
CA TYR A 207 -35.58 3.23 21.31
C TYR A 207 -35.46 4.37 22.31
N PRO A 208 -36.57 5.09 22.54
CA PRO A 208 -36.58 6.25 23.38
C PRO A 208 -36.15 6.02 24.83
N GLU A 209 -36.40 4.83 25.36
CA GLU A 209 -35.90 4.45 26.69
C GLU A 209 -34.42 4.00 26.70
N GLY A 210 -33.81 3.90 25.52
CA GLY A 210 -32.41 3.59 25.42
C GLY A 210 -32.08 2.12 25.24
N VAL A 211 -30.79 1.82 25.15
CA VAL A 211 -30.32 0.45 25.00
C VAL A 211 -29.58 -0.02 26.26
N ASP A 212 -29.76 -1.29 26.59
CA ASP A 212 -29.19 -1.84 27.83
C ASP A 212 -27.73 -2.20 27.74
N VAL A 213 -27.28 -2.62 26.55
CA VAL A 213 -25.91 -3.07 26.34
C VAL A 213 -25.38 -2.59 24.97
N VAL A 214 -24.15 -2.11 24.90
CA VAL A 214 -23.57 -1.78 23.61
C VAL A 214 -22.29 -2.56 23.44
N TYR A 215 -22.20 -3.31 22.35
CA TYR A 215 -20.95 -3.96 21.95
C TYR A 215 -20.23 -3.02 20.94
N GLU A 216 -19.29 -2.22 21.45
CA GLU A 216 -18.83 -1.05 20.71
C GLU A 216 -17.45 -1.29 20.18
N SER A 217 -17.37 -1.43 18.86
CA SER A 217 -16.11 -1.74 18.17
C SER A 217 -15.48 -0.59 17.38
N VAL A 218 -16.19 0.53 17.23
CA VAL A 218 -15.84 1.55 16.23
C VAL A 218 -15.21 2.81 16.78
N GLY A 219 -15.68 3.29 17.92
CA GLY A 219 -15.15 4.51 18.52
C GLY A 219 -15.66 5.78 17.85
N GLY A 220 -15.03 6.90 18.19
CA GLY A 220 -15.38 8.20 17.63
C GLY A 220 -16.85 8.54 17.73
N ALA A 221 -17.42 9.01 16.64
CA ALA A 221 -18.78 9.50 16.67
C ALA A 221 -19.77 8.40 17.06
N MET A 222 -19.46 7.15 16.75
CA MET A 222 -20.33 6.01 17.09
C MET A 222 -20.33 5.76 18.59
N PHE A 223 -19.15 5.89 19.21
CA PHE A 223 -19.04 5.81 20.65
C PHE A 223 -19.96 6.86 21.30
N ASP A 224 -19.88 8.11 20.82
CA ASP A 224 -20.69 9.22 21.35
C ASP A 224 -22.21 8.95 21.23
N LEU A 225 -22.67 8.47 20.07
CA LEU A 225 -24.09 8.11 19.86
C LEU A 225 -24.48 7.01 20.84
N ALA A 226 -23.59 6.04 21.03
CA ALA A 226 -23.84 4.90 21.94
C ALA A 226 -24.08 5.37 23.38
N VAL A 227 -23.20 6.25 23.89
CA VAL A 227 -23.36 6.81 25.24
C VAL A 227 -24.71 7.50 25.38
N ASP A 228 -25.03 8.35 24.43
CA ASP A 228 -26.32 9.04 24.46
C ASP A 228 -27.49 8.05 24.43
N ALA A 229 -27.32 6.90 23.77
CA ALA A 229 -28.42 5.93 23.58
C ALA A 229 -28.60 4.95 24.78
N LEU A 230 -27.68 4.96 25.75
CA LEU A 230 -27.81 4.08 26.92
C LEU A 230 -29.04 4.35 27.76
N ALA A 231 -29.72 3.25 28.08
CA ALA A 231 -30.78 3.21 29.07
C ALA A 231 -30.25 3.46 30.47
N THR A 232 -31.16 3.71 31.40
CA THR A 232 -30.85 3.68 32.81
C THR A 232 -30.18 2.35 33.15
N LYS A 233 -29.04 2.42 33.83
CA LYS A 233 -28.24 1.22 34.18
C LYS A 233 -27.67 0.48 32.98
N GLY A 234 -27.70 1.14 31.82
CA GLY A 234 -27.02 0.65 30.63
C GLY A 234 -25.52 0.47 30.73
N ARG A 235 -24.99 -0.42 29.89
CA ARG A 235 -23.57 -0.76 29.90
C ARG A 235 -23.00 -0.63 28.48
N LEU A 236 -21.97 0.17 28.32
CA LEU A 236 -21.27 0.26 27.06
C LEU A 236 -19.97 -0.51 27.23
N ILE A 237 -19.82 -1.58 26.45
CA ILE A 237 -18.57 -2.37 26.43
C ILE A 237 -17.65 -1.84 25.32
N VAL A 238 -16.47 -1.35 25.71
CA VAL A 238 -15.46 -0.95 24.75
C VAL A 238 -14.63 -2.18 24.34
N ILE A 239 -15.01 -2.76 23.20
CA ILE A 239 -14.38 -3.90 22.56
C ILE A 239 -13.23 -3.38 21.73
N GLY A 240 -13.45 -2.21 21.15
CA GLY A 240 -12.47 -1.58 20.30
C GLY A 240 -12.89 -0.19 19.80
N PHE A 241 -12.02 0.41 18.99
CA PHE A 241 -12.31 1.70 18.41
C PHE A 241 -11.56 1.86 17.07
N ILE A 242 -11.99 1.03 16.11
CA ILE A 242 -11.27 0.83 14.84
C ILE A 242 -11.13 2.11 14.00
N SER A 243 -12.03 3.07 14.17
CA SER A 243 -11.99 4.34 13.46
C SER A 243 -10.73 5.16 13.82
N GLY A 244 -10.04 4.78 14.87
CA GLY A 244 -8.84 5.48 15.31
C GLY A 244 -7.49 4.84 14.95
N TYR A 245 -7.48 3.55 14.63
CA TYR A 245 -6.22 2.76 14.63
C TYR A 245 -5.22 3.23 13.57
N GLN A 246 -5.72 3.75 12.45
CA GLN A 246 -4.84 4.22 11.38
C GLN A 246 -4.12 5.54 11.73
N THR A 247 -4.60 6.23 12.75
CA THR A 247 -4.08 7.53 13.09
C THR A 247 -2.74 7.31 13.79
N PRO A 248 -1.92 8.37 13.90
CA PRO A 248 -0.61 8.27 14.55
C PRO A 248 -0.60 7.75 16.01
N THR A 249 -1.53 8.20 16.83
CA THR A 249 -1.68 7.71 18.20
C THR A 249 -2.54 6.44 18.27
N GLY A 250 -3.36 6.18 17.26
CA GLY A 250 -4.27 5.03 17.26
C GLY A 250 -5.61 5.35 17.94
N LEU A 251 -5.78 6.59 18.38
CA LEU A 251 -7.04 6.99 19.02
C LEU A 251 -8.07 7.60 18.03
N SER A 252 -9.33 7.49 18.39
CA SER A 252 -10.39 8.14 17.62
C SER A 252 -11.02 9.28 18.45
N PRO A 253 -11.06 10.52 17.94
CA PRO A 253 -11.65 11.61 18.71
C PRO A 253 -13.09 11.40 19.11
N VAL A 254 -13.36 11.72 20.38
CA VAL A 254 -14.68 11.57 20.94
C VAL A 254 -15.02 12.85 21.66
N LYS A 255 -16.32 13.17 21.71
CA LYS A 255 -16.82 14.29 22.52
C LYS A 255 -17.22 13.75 23.88
N ALA A 256 -16.23 13.42 24.69
CA ALA A 256 -16.41 12.67 25.93
C ALA A 256 -16.22 13.54 27.17
N GLY A 257 -16.03 14.85 26.99
CA GLY A 257 -15.79 15.78 28.11
C GLY A 257 -16.88 15.77 29.17
N THR A 258 -18.10 15.45 28.76
CA THR A 258 -19.22 15.40 29.68
C THR A 258 -19.64 13.94 29.96
N LEU A 259 -18.78 12.99 29.63
CA LEU A 259 -19.07 11.58 29.87
C LEU A 259 -19.37 11.24 31.34
N PRO A 260 -18.57 11.76 32.30
CA PRO A 260 -18.89 11.40 33.70
C PRO A 260 -20.30 11.82 34.11
N ALA A 261 -20.70 13.03 33.69
CA ALA A 261 -22.03 13.53 34.00
C ALA A 261 -23.11 12.63 33.38
N LYS A 262 -22.90 12.25 32.12
CA LYS A 262 -23.86 11.37 31.43
C LYS A 262 -24.01 10.01 32.11
N LEU A 263 -22.89 9.46 32.58
CA LEU A 263 -22.90 8.17 33.22
C LEU A 263 -23.53 8.26 34.62
N LEU A 264 -23.21 9.30 35.37
CA LEU A 264 -23.85 9.49 36.68
C LEU A 264 -25.39 9.61 36.51
N LYS A 265 -25.82 10.46 35.60
CA LYS A 265 -27.25 10.78 35.42
C LYS A 265 -28.08 9.53 35.02
N LYS A 266 -27.44 8.57 34.37
CA LYS A 266 -28.09 7.33 33.93
C LYS A 266 -27.74 6.09 34.80
N SER A 267 -26.91 6.26 35.82
CA SER A 267 -26.30 5.11 36.52
C SER A 267 -25.77 4.09 35.52
N ALA A 268 -25.13 4.58 34.46
CA ALA A 268 -24.67 3.74 33.36
C ALA A 268 -23.18 3.57 33.45
N SER A 269 -22.63 2.64 32.66
CA SER A 269 -21.19 2.35 32.74
C SER A 269 -20.55 2.24 31.35
N VAL A 270 -19.25 2.47 31.33
CA VAL A 270 -18.40 2.23 30.16
C VAL A 270 -17.42 1.21 30.65
N GLN A 271 -17.39 0.04 30.02
CA GLN A 271 -16.57 -1.05 30.52
C GLN A 271 -15.60 -1.51 29.43
N GLY A 272 -14.29 -1.48 29.69
CA GLY A 272 -13.37 -1.99 28.70
C GLY A 272 -13.28 -3.51 28.73
N PHE A 273 -12.81 -4.10 27.62
CA PHE A 273 -12.57 -5.55 27.53
C PHE A 273 -11.31 -5.83 26.72
N PHE A 274 -10.36 -6.56 27.32
CA PHE A 274 -9.17 -7.03 26.64
C PHE A 274 -9.10 -8.58 26.79
N LEU A 275 -9.17 -9.28 25.65
CA LEU A 275 -9.21 -10.75 25.60
C LEU A 275 -8.17 -11.42 26.50
N ASN A 276 -6.95 -10.89 26.52
CA ASN A 276 -5.86 -11.52 27.26
C ASN A 276 -5.95 -11.44 28.78
N HIS A 277 -6.85 -10.64 29.33
CA HIS A 277 -7.14 -10.64 30.77
C HIS A 277 -8.22 -11.68 31.15
N TYR A 278 -8.80 -12.39 30.17
CA TYR A 278 -9.85 -13.39 30.41
C TYR A 278 -9.56 -14.79 29.87
N LEU A 279 -8.30 -15.12 29.81
CA LEU A 279 -7.87 -16.39 29.27
C LEU A 279 -8.36 -17.59 30.06
N SER A 280 -8.65 -17.41 31.36
CA SER A 280 -9.20 -18.48 32.22
C SER A 280 -10.57 -18.96 31.71
N LYS A 281 -11.23 -18.13 30.90
CA LYS A 281 -12.54 -18.43 30.27
C LYS A 281 -12.42 -18.94 28.83
N TYR A 282 -11.22 -18.96 28.28
CA TYR A 282 -11.08 -19.18 26.83
C TYR A 282 -11.44 -20.60 26.38
N GLN A 283 -10.89 -21.61 27.05
CA GLN A 283 -11.15 -22.98 26.62
C GLN A 283 -12.65 -23.36 26.61
N ALA A 284 -13.37 -22.95 27.65
CA ALA A 284 -14.77 -23.19 27.78
C ALA A 284 -15.55 -22.42 26.70
N ALA A 285 -15.18 -21.16 26.44
CA ALA A 285 -15.82 -20.37 25.36
C ALA A 285 -15.60 -21.07 24.02
N MET A 286 -14.35 -21.46 23.77
CA MET A 286 -14.02 -22.14 22.51
C MET A 286 -14.81 -23.44 22.36
N SER A 287 -14.88 -24.23 23.43
CA SER A 287 -15.63 -25.49 23.37
C SER A 287 -17.09 -25.23 23.01
N HIS A 288 -17.74 -24.27 23.65
CA HIS A 288 -19.14 -23.99 23.35
CA HIS A 288 -19.14 -23.97 23.37
C HIS A 288 -19.36 -23.49 21.91
N LEU A 289 -18.47 -22.62 21.44
CA LEU A 289 -18.59 -22.05 20.10
C LEU A 289 -18.40 -23.13 19.04
N LEU A 290 -17.42 -24.01 19.28
CA LEU A 290 -17.15 -25.13 18.38
C LEU A 290 -18.34 -26.06 18.26
N GLU A 291 -18.95 -26.44 19.40
CA GLU A 291 -20.16 -27.28 19.38
C GLU A 291 -21.27 -26.67 18.52
N MET A 292 -21.52 -25.37 18.71
CA MET A 292 -22.55 -24.68 17.93
C MET A 292 -22.22 -24.60 16.43
N CYS A 293 -20.94 -24.36 16.14
CA CYS A 293 -20.47 -24.24 14.78
C CYS A 293 -20.60 -25.56 14.04
N VAL A 294 -20.09 -26.64 14.65
CA VAL A 294 -20.17 -27.99 14.06
C VAL A 294 -21.60 -28.44 13.93
N SER A 295 -22.43 -28.13 14.90
CA SER A 295 -23.84 -28.55 14.78
C SER A 295 -24.73 -27.67 13.83
N GLY A 296 -24.19 -26.60 13.27
CA GLY A 296 -24.96 -25.71 12.39
C GLY A 296 -25.86 -24.71 13.13
N ASP A 297 -25.58 -24.49 14.40
CA ASP A 297 -26.35 -23.58 15.23
C ASP A 297 -25.73 -22.19 15.32
N LEU A 298 -24.61 -21.99 14.63
CA LEU A 298 -23.89 -20.70 14.63
C LEU A 298 -23.37 -20.42 13.23
N VAL A 299 -23.80 -19.29 12.63
CA VAL A 299 -23.27 -18.86 11.32
C VAL A 299 -21.85 -18.36 11.60
N CYS A 300 -20.87 -18.93 10.91
CA CYS A 300 -19.47 -18.53 11.02
C CYS A 300 -19.00 -18.01 9.67
N GLU A 301 -19.36 -16.77 9.37
CA GLU A 301 -19.15 -16.25 8.02
C GLU A 301 -17.69 -15.90 7.82
N VAL A 302 -17.16 -16.41 6.71
CA VAL A 302 -15.78 -16.20 6.33
C VAL A 302 -15.77 -15.35 5.05
N ASP A 303 -14.97 -14.31 5.05
CA ASP A 303 -14.67 -13.54 3.82
C ASP A 303 -13.25 -13.80 3.36
N LEU A 304 -13.09 -14.64 2.35
CA LEU A 304 -11.81 -14.97 1.76
C LEU A 304 -11.47 -14.07 0.56
N GLY A 305 -12.18 -12.96 0.43
CA GLY A 305 -11.88 -11.95 -0.61
C GLY A 305 -12.36 -12.33 -1.98
N ASP A 306 -13.19 -13.36 -2.08
CA ASP A 306 -13.66 -13.87 -3.39
C ASP A 306 -14.38 -12.83 -4.25
N LEU A 307 -14.86 -11.76 -3.63
CA LEU A 307 -15.52 -10.69 -4.34
C LEU A 307 -14.75 -9.36 -4.23
N SER A 308 -13.49 -9.42 -3.81
CA SER A 308 -12.65 -8.23 -3.75
C SER A 308 -12.09 -7.92 -5.16
N PRO A 309 -11.40 -6.77 -5.30
CA PRO A 309 -10.94 -6.36 -6.64
C PRO A 309 -10.02 -7.41 -7.30
N GLU A 310 -9.00 -7.85 -6.54
CA GLU A 310 -8.04 -8.82 -7.05
C GLU A 310 -8.40 -10.26 -6.64
N GLY A 311 -9.61 -10.46 -6.10
CA GLY A 311 -10.13 -11.79 -5.82
C GLY A 311 -9.57 -12.46 -4.59
N ARG A 312 -9.78 -13.76 -4.50
CA ARG A 312 -9.46 -14.50 -3.29
C ARG A 312 -8.08 -14.17 -2.71
N PHE A 313 -8.08 -13.97 -1.40
CA PHE A 313 -6.87 -13.71 -0.63
C PHE A 313 -6.08 -15.01 -0.53
N THR A 314 -5.24 -15.27 -1.52
CA THR A 314 -4.38 -16.43 -1.52
C THR A 314 -2.93 -16.01 -1.36
N GLY A 315 -2.24 -16.63 -0.40
CA GLY A 315 -0.81 -16.41 -0.17
C GLY A 315 -0.56 -15.33 0.84
N LEU A 316 0.63 -15.36 1.43
CA LEU A 316 1.02 -14.36 2.41
C LEU A 316 0.97 -12.94 1.81
N GLU A 317 1.35 -12.79 0.55
CA GLU A 317 1.34 -11.49 -0.09
C GLU A 317 -0.07 -10.84 -0.12
N SER A 318 -1.14 -11.62 -0.05
CA SER A 318 -2.50 -11.10 -0.11
C SER A 318 -2.92 -10.50 1.23
N ILE A 319 -2.15 -10.77 2.29
CA ILE A 319 -2.50 -10.20 3.59
C ILE A 319 -2.54 -8.68 3.51
N PHE A 320 -1.59 -8.09 2.80
CA PHE A 320 -1.56 -6.64 2.63
C PHE A 320 -2.87 -6.10 2.04
N ARG A 321 -3.41 -6.78 1.01
CA ARG A 321 -4.70 -6.39 0.40
C ARG A 321 -5.85 -6.66 1.36
N ALA A 322 -5.72 -7.72 2.16
CA ALA A 322 -6.80 -8.12 3.09
C ALA A 322 -6.97 -7.10 4.21
N VAL A 323 -5.85 -6.57 4.73
CA VAL A 323 -5.88 -5.46 5.70
C VAL A 323 -6.52 -4.22 5.10
N ASN A 324 -6.13 -3.86 3.89
CA ASN A 324 -6.77 -2.75 3.20
C ASN A 324 -8.28 -2.95 3.04
N TYR A 325 -8.68 -4.15 2.67
CA TYR A 325 -10.11 -4.51 2.54
C TYR A 325 -10.92 -4.24 3.80
N MET A 326 -10.36 -4.62 4.93
CA MET A 326 -10.98 -4.35 6.22
C MET A 326 -11.13 -2.87 6.45
N TYR A 327 -10.04 -2.14 6.21
CA TYR A 327 -10.00 -0.74 6.53
C TYR A 327 -10.76 0.10 5.50
N MET A 328 -11.12 -0.50 4.36
CA MET A 328 -12.12 0.13 3.47
C MET A 328 -13.55 -0.26 3.86
N GLY A 329 -13.69 -1.07 4.91
CA GLY A 329 -14.98 -1.54 5.43
C GLY A 329 -15.78 -2.39 4.47
N LYS A 330 -15.10 -3.22 3.67
CA LYS A 330 -15.73 -3.98 2.60
C LYS A 330 -16.15 -5.41 3.00
N ASN A 331 -15.62 -5.92 4.12
CA ASN A 331 -15.81 -7.33 4.48
C ASN A 331 -17.16 -7.62 5.14
N THR A 332 -17.66 -8.83 4.90
CA THR A 332 -18.82 -9.42 5.59
C THR A 332 -18.36 -10.72 6.23
N GLY A 333 -18.38 -10.74 7.55
CA GLY A 333 -17.75 -11.78 8.33
C GLY A 333 -16.25 -11.60 8.55
N LYS A 334 -15.62 -12.71 8.90
CA LYS A 334 -14.22 -12.76 9.31
C LYS A 334 -13.36 -12.81 8.05
N ILE A 335 -12.43 -11.86 7.94
CA ILE A 335 -11.43 -11.88 6.90
C ILE A 335 -10.40 -12.95 7.19
N VAL A 336 -10.20 -13.83 6.22
CA VAL A 336 -9.31 -14.96 6.33
C VAL A 336 -8.47 -15.05 5.07
N VAL A 337 -7.22 -15.47 5.24
CA VAL A 337 -6.31 -15.61 4.13
C VAL A 337 -5.94 -17.04 4.03
N GLU A 338 -5.90 -17.56 2.82
CA GLU A 338 -5.55 -18.94 2.59
C GLU A 338 -4.11 -19.09 2.10
N LEU A 339 -3.40 -20.05 2.66
CA LEU A 339 -2.06 -20.42 2.21
C LEU A 339 -2.18 -21.79 1.56
N PRO A 340 -2.31 -21.81 0.24
CA PRO A 340 -2.64 -23.08 -0.41
C PRO A 340 -1.53 -24.11 -0.35
N HIS A 341 -1.94 -25.37 -0.18
CA HIS A 341 -1.09 -26.55 -0.23
C HIS A 341 -2.00 -27.76 -0.05
N MET B 2 -12.35 27.43 -6.50
CA MET B 2 -11.21 28.08 -7.23
C MET B 2 -9.82 27.50 -6.84
N MET B 3 -8.85 27.57 -7.77
CA MET B 3 -7.48 27.03 -7.59
C MET B 3 -6.45 27.60 -8.57
N GLN B 4 -5.16 27.33 -8.32
CA GLN B 4 -4.07 27.66 -9.24
C GLN B 4 -3.66 26.44 -10.09
N LYS B 5 -3.20 26.72 -11.32
CA LYS B 5 -2.61 25.69 -12.17
C LYS B 5 -1.78 26.31 -13.28
N LEU B 6 -0.80 25.54 -13.78
CA LEU B 6 0.03 25.96 -14.88
C LEU B 6 -0.67 25.62 -16.19
N VAL B 7 -0.61 26.54 -17.15
CA VAL B 7 -1.22 26.33 -18.45
C VAL B 7 -0.17 26.70 -19.49
N VAL B 8 -0.02 25.86 -20.51
CA VAL B 8 0.72 26.25 -21.72
C VAL B 8 -0.14 27.20 -22.54
N THR B 9 0.35 28.42 -22.73
CA THR B 9 -0.39 29.46 -23.41
C THR B 9 0.34 29.90 -24.69
N ARG B 10 1.57 29.42 -24.87
CA ARG B 10 2.37 29.69 -26.07
C ARG B 10 3.29 28.49 -26.28
N LEU B 11 3.37 27.98 -27.52
CA LEU B 11 4.25 26.84 -27.80
C LEU B 11 5.72 27.25 -27.81
N SER B 12 6.50 26.69 -26.88
CA SER B 12 7.92 26.98 -26.79
C SER B 12 8.67 25.93 -25.95
N PRO B 13 9.89 25.58 -26.37
CA PRO B 13 10.75 24.71 -25.56
C PRO B 13 11.43 25.49 -24.42
N ASN B 14 11.15 26.79 -24.34
CA ASN B 14 11.49 27.58 -23.16
C ASN B 14 10.24 27.60 -22.26
N PHE B 15 10.33 26.83 -21.17
CA PHE B 15 9.20 26.59 -20.26
C PHE B 15 8.61 27.89 -19.72
N ARG B 16 9.48 28.81 -19.30
CA ARG B 16 9.04 30.11 -18.80
C ARG B 16 8.24 30.87 -19.86
N GLU B 17 8.71 30.87 -21.11
CA GLU B 17 8.00 31.55 -22.20
C GLU B 17 6.67 30.89 -22.56
N ALA B 18 6.58 29.58 -22.38
CA ALA B 18 5.41 28.81 -22.81
C ALA B 18 4.26 28.80 -21.81
N VAL B 19 4.61 28.78 -20.53
CA VAL B 19 3.68 28.39 -19.47
C VAL B 19 3.29 29.57 -18.58
N THR B 20 1.99 29.66 -18.29
CA THR B 20 1.42 30.70 -17.42
C THR B 20 0.80 30.07 -16.19
N LEU B 21 1.04 30.67 -15.03
CA LEU B 21 0.37 30.29 -13.80
C LEU B 21 -0.95 31.04 -13.72
N SER B 22 -2.07 30.34 -13.91
CA SER B 22 -3.39 30.94 -13.75
C SER B 22 -3.75 30.86 -12.28
N ARG B 23 -4.28 31.96 -11.75
CA ARG B 23 -4.48 32.12 -10.30
C ARG B 23 -5.93 31.96 -9.81
N ASP B 24 -6.93 31.96 -10.71
CA ASP B 24 -8.34 31.86 -10.26
C ASP B 24 -9.18 30.85 -11.05
N CYS B 25 -8.59 29.69 -11.38
CA CYS B 25 -9.27 28.63 -12.16
C CYS B 25 -10.29 27.87 -11.33
N PRO B 26 -11.38 27.40 -11.95
CA PRO B 26 -12.35 26.61 -11.17
C PRO B 26 -11.81 25.22 -10.87
N VAL B 27 -12.19 24.67 -9.72
CA VAL B 27 -11.79 23.31 -9.35
C VAL B 27 -12.67 22.33 -10.12
N PRO B 28 -12.06 21.47 -10.96
CA PRO B 28 -12.88 20.59 -11.79
C PRO B 28 -13.54 19.49 -10.97
N LEU B 29 -14.71 19.05 -11.44
CA LEU B 29 -15.49 18.04 -10.76
C LEU B 29 -15.16 16.66 -11.36
N PRO B 30 -15.24 15.61 -10.53
CA PRO B 30 -15.02 14.24 -10.99
C PRO B 30 -16.29 13.59 -11.53
N GLY B 31 -16.22 13.06 -12.74
CA GLY B 31 -17.31 12.26 -13.32
C GLY B 31 -17.54 10.95 -12.58
N ASP B 32 -18.49 10.15 -13.06
CA ASP B 32 -18.85 8.88 -12.43
C ASP B 32 -17.62 7.98 -12.16
N GLY B 33 -16.75 7.85 -13.15
CA GLY B 33 -15.60 6.95 -13.05
C GLY B 33 -14.30 7.63 -12.62
N ASP B 34 -14.41 8.87 -12.12
CA ASP B 34 -13.23 9.72 -11.85
C ASP B 34 -12.94 9.96 -10.37
N LEU B 35 -11.64 10.15 -10.06
CA LEU B 35 -11.16 10.68 -8.79
C LEU B 35 -10.78 12.15 -8.99
N LEU B 36 -11.06 12.99 -8.00
CA LEU B 36 -10.43 14.30 -7.88
C LEU B 36 -9.34 14.16 -6.85
N VAL B 37 -8.11 14.45 -7.25
CA VAL B 37 -6.94 14.30 -6.41
C VAL B 37 -6.42 15.68 -6.08
N ARG B 38 -6.22 15.96 -4.80
CA ARG B 38 -5.48 17.13 -4.39
C ARG B 38 -4.01 16.74 -4.43
N ASN B 39 -3.24 17.37 -5.32
CA ASN B 39 -1.84 17.04 -5.54
C ASN B 39 -0.98 17.55 -4.40
N ARG B 40 -0.20 16.67 -3.80
CA ARG B 40 0.72 17.10 -2.75
C ARG B 40 2.12 17.14 -3.31
N PHE B 41 2.47 16.16 -4.16
CA PHE B 41 3.74 16.22 -4.88
C PHE B 41 3.53 16.00 -6.36
N VAL B 42 4.29 16.73 -7.18
CA VAL B 42 4.26 16.55 -8.62
C VAL B 42 5.70 16.39 -9.14
N GLY B 43 5.84 15.60 -10.20
CA GLY B 43 7.13 15.33 -10.78
C GLY B 43 7.50 16.29 -11.90
N VAL B 44 8.75 16.71 -11.90
CA VAL B 44 9.30 17.43 -13.04
C VAL B 44 10.02 16.42 -13.94
N ASN B 45 9.63 16.43 -15.23
CA ASN B 45 10.20 15.56 -16.28
C ASN B 45 10.93 16.34 -17.40
N ALA B 46 11.98 15.77 -17.98
CA ALA B 46 12.75 16.43 -19.05
C ALA B 46 11.83 16.88 -20.16
N SER B 47 10.91 16.02 -20.56
CA SER B 47 10.01 16.32 -21.65
C SER B 47 8.82 17.20 -21.29
N ASP B 48 8.77 17.74 -20.08
CA ASP B 48 7.82 18.83 -19.83
C ASP B 48 8.02 19.95 -20.89
N ILE B 49 9.26 20.21 -21.26
CA ILE B 49 9.57 21.26 -22.28
C ILE B 49 9.37 20.80 -23.74
N ASN B 50 9.42 19.51 -23.98
CA ASN B 50 8.90 19.00 -25.24
C ASN B 50 7.40 19.20 -25.33
N TYR B 51 6.73 19.02 -24.21
CA TYR B 51 5.27 19.12 -24.12
C TYR B 51 4.85 20.57 -24.32
N SER B 52 5.56 21.51 -23.69
CA SER B 52 5.23 22.94 -23.81
C SER B 52 5.52 23.48 -25.21
N ALA B 53 6.46 22.83 -25.89
CA ALA B 53 6.82 23.14 -27.26
C ALA B 53 5.78 22.60 -28.25
N GLY B 54 4.89 21.71 -27.80
CA GLY B 54 3.82 21.19 -28.64
C GLY B 54 4.24 20.00 -29.48
N ARG B 55 5.34 19.36 -29.10
CA ARG B 55 5.94 18.26 -29.91
C ARG B 55 5.20 16.92 -29.82
N TYR B 56 4.45 16.68 -28.74
CA TYR B 56 3.74 15.42 -28.61
C TYR B 56 2.65 15.31 -29.70
N ASP B 57 1.82 16.35 -29.82
CA ASP B 57 0.76 16.39 -30.82
C ASP B 57 0.72 17.76 -31.50
N PRO B 58 1.51 17.95 -32.56
CA PRO B 58 1.67 19.25 -33.22
C PRO B 58 0.38 19.91 -33.70
N SER B 59 -0.70 19.13 -33.87
CA SER B 59 -2.00 19.70 -34.26
C SER B 59 -2.78 20.35 -33.11
N VAL B 60 -2.38 20.09 -31.85
CA VAL B 60 -3.12 20.60 -30.70
C VAL B 60 -2.55 21.96 -30.27
N LYS B 61 -3.38 22.99 -30.31
CA LYS B 61 -2.97 24.37 -30.01
C LYS B 61 -3.22 24.73 -28.54
N PRO B 62 -2.47 25.71 -28.02
CA PRO B 62 -2.75 26.17 -26.65
C PRO B 62 -4.12 26.82 -26.58
N PRO B 63 -4.74 26.84 -25.38
CA PRO B 63 -4.20 26.41 -24.09
C PRO B 63 -4.36 24.93 -23.79
N PHE B 64 -3.43 24.38 -23.02
CA PHE B 64 -3.60 23.03 -22.50
C PHE B 64 -2.81 22.80 -21.22
N ASP B 65 -3.24 21.80 -20.47
CA ASP B 65 -2.66 21.48 -19.18
C ASP B 65 -1.32 20.74 -19.36
N ILE B 66 -0.56 20.70 -18.28
CA ILE B 66 0.82 20.25 -18.29
C ILE B 66 1.18 19.56 -16.93
N GLY B 67 2.27 18.80 -16.92
CA GLY B 67 2.68 17.97 -15.78
C GLY B 67 2.14 16.56 -15.94
N PHE B 68 3.03 15.56 -15.87
CA PHE B 68 2.68 14.19 -16.27
C PHE B 68 2.39 13.25 -15.11
N GLU B 69 2.70 13.66 -13.88
CA GLU B 69 2.53 12.78 -12.76
C GLU B 69 2.25 13.52 -11.44
N GLY B 70 1.57 12.85 -10.52
CA GLY B 70 1.13 13.45 -9.28
C GLY B 70 0.92 12.38 -8.21
N ILE B 71 0.92 12.81 -6.96
CA ILE B 71 0.57 11.95 -5.81
C ILE B 71 -0.14 12.83 -4.82
N GLY B 72 -1.22 12.32 -4.26
CA GLY B 72 -1.97 13.06 -3.25
C GLY B 72 -3.14 12.27 -2.70
N GLU B 73 -4.16 12.99 -2.24
CA GLU B 73 -5.28 12.39 -1.56
C GLU B 73 -6.51 12.55 -2.44
N VAL B 74 -7.38 11.55 -2.42
CA VAL B 74 -8.66 11.60 -3.09
C VAL B 74 -9.59 12.46 -2.22
N VAL B 75 -10.09 13.58 -2.76
CA VAL B 75 -10.93 14.48 -1.99
C VAL B 75 -12.39 14.38 -2.43
N ALA B 76 -12.60 14.04 -3.70
CA ALA B 76 -13.93 13.65 -4.16
C ALA B 76 -13.77 12.56 -5.20
N LEU B 77 -14.84 11.80 -5.41
CA LEU B 77 -14.87 10.77 -6.44
C LEU B 77 -16.29 10.48 -6.90
N GLY B 78 -16.43 10.02 -8.13
CA GLY B 78 -17.75 9.63 -8.65
C GLY B 78 -18.22 8.36 -7.96
N LEU B 79 -19.41 7.92 -8.35
CA LEU B 79 -20.08 6.80 -7.68
C LEU B 79 -19.53 5.40 -8.06
N SER B 80 -19.10 5.22 -9.30
CA SER B 80 -18.51 3.95 -9.75
C SER B 80 -17.09 3.85 -9.21
N ALA B 81 -16.35 4.95 -9.35
CA ALA B 81 -15.03 5.09 -8.77
C ALA B 81 -15.01 4.63 -7.31
N SER B 82 -16.04 5.01 -6.56
CA SER B 82 -16.14 4.72 -5.12
C SER B 82 -16.33 3.24 -4.74
N ALA B 83 -16.50 2.37 -5.74
CA ALA B 83 -16.51 0.93 -5.47
C ALA B 83 -15.09 0.39 -5.18
N ARG B 84 -14.06 1.01 -5.76
CA ARG B 84 -12.66 0.60 -5.57
C ARG B 84 -11.87 1.59 -4.70
N TYR B 85 -12.35 2.83 -4.59
CA TYR B 85 -11.63 3.90 -3.87
C TYR B 85 -12.51 4.58 -2.80
N THR B 86 -11.87 5.41 -1.95
CA THR B 86 -12.59 6.24 -0.97
C THR B 86 -11.88 7.58 -0.79
N VAL B 87 -12.64 8.58 -0.37
CA VAL B 87 -12.11 9.91 -0.05
C VAL B 87 -11.04 9.78 1.03
N GLY B 88 -9.96 10.54 0.86
CA GLY B 88 -8.84 10.53 1.80
C GLY B 88 -7.77 9.50 1.44
N GLN B 89 -8.06 8.63 0.49
CA GLN B 89 -7.12 7.60 0.08
C GLN B 89 -5.93 8.19 -0.69
N ALA B 90 -4.75 7.68 -0.37
CA ALA B 90 -3.52 8.05 -1.03
C ALA B 90 -3.47 7.38 -2.42
N VAL B 91 -3.31 8.18 -3.48
CA VAL B 91 -3.20 7.67 -4.84
C VAL B 91 -2.15 8.44 -5.61
N ALA B 92 -1.59 7.78 -6.59
CA ALA B 92 -0.62 8.41 -7.48
C ALA B 92 -1.06 8.08 -8.88
N TYR B 93 -0.67 8.94 -9.82
CA TYR B 93 -1.08 8.74 -11.19
C TYR B 93 -0.08 9.34 -12.16
N MET B 94 -0.13 8.82 -13.38
CA MET B 94 0.55 9.35 -14.53
C MET B 94 -0.53 9.79 -15.53
N ALA B 95 -0.70 11.10 -15.68
CA ALA B 95 -1.62 11.68 -16.65
C ALA B 95 -1.30 13.17 -16.80
N PRO B 96 -1.61 13.75 -17.97
CA PRO B 96 -1.30 15.16 -18.14
C PRO B 96 -2.19 16.04 -17.27
N GLY B 97 -1.63 17.13 -16.76
CA GLY B 97 -2.38 18.08 -15.97
C GLY B 97 -2.19 17.94 -14.49
N SER B 98 -1.06 17.35 -14.09
CA SER B 98 -0.70 17.22 -12.68
C SER B 98 -0.20 18.54 -12.08
N PHE B 99 0.25 19.47 -12.92
CA PHE B 99 0.67 20.80 -12.46
C PHE B 99 -0.53 21.69 -12.17
N ALA B 100 -1.26 21.31 -11.13
CA ALA B 100 -2.46 21.99 -10.69
C ALA B 100 -2.64 21.61 -9.23
N GLU B 101 -3.37 22.43 -8.47
CA GLU B 101 -3.67 22.07 -7.07
C GLU B 101 -4.57 20.81 -7.01
N TYR B 102 -5.42 20.66 -8.01
CA TYR B 102 -6.37 19.55 -8.07
C TYR B 102 -6.41 19.09 -9.52
N THR B 103 -6.38 17.77 -9.73
CA THR B 103 -6.40 17.14 -11.05
C THR B 103 -7.51 16.07 -11.04
N VAL B 104 -8.34 16.04 -12.09
CA VAL B 104 -9.31 14.95 -12.26
C VAL B 104 -8.60 13.76 -12.92
N VAL B 105 -8.78 12.57 -12.35
CA VAL B 105 -8.05 11.38 -12.81
C VAL B 105 -9.01 10.22 -12.85
N PRO B 106 -9.08 9.50 -13.99
CA PRO B 106 -9.97 8.34 -14.02
C PRO B 106 -9.48 7.19 -13.13
N ALA B 107 -10.40 6.60 -12.35
CA ALA B 107 -10.04 5.58 -11.36
C ALA B 107 -9.27 4.45 -12.03
N SER B 108 -9.69 4.10 -13.24
CA SER B 108 -9.06 3.02 -13.99
C SER B 108 -7.56 3.17 -14.16
N ILE B 109 -7.01 4.39 -14.11
CA ILE B 109 -5.54 4.58 -14.27
C ILE B 109 -4.83 5.09 -13.01
N ALA B 110 -5.54 5.16 -11.89
CA ALA B 110 -4.91 5.52 -10.62
C ALA B 110 -4.03 4.35 -10.11
N THR B 111 -2.98 4.67 -9.37
CA THR B 111 -2.21 3.65 -8.68
C THR B 111 -2.38 3.89 -7.20
N PRO B 112 -3.10 3.00 -6.50
CA PRO B 112 -3.12 3.11 -5.05
C PRO B 112 -1.70 3.01 -4.47
N VAL B 113 -1.37 3.87 -3.51
CA VAL B 113 -0.05 3.82 -2.87
C VAL B 113 -0.25 3.78 -1.35
N PRO B 114 0.76 3.29 -0.60
CA PRO B 114 0.59 3.12 0.86
C PRO B 114 0.34 4.44 1.60
N SER B 115 1.01 5.51 1.19
CA SER B 115 0.83 6.82 1.79
C SER B 115 1.32 7.85 0.80
N VAL B 116 1.11 9.12 1.14
CA VAL B 116 1.56 10.20 0.29
C VAL B 116 3.02 10.50 0.60
N LYS B 117 3.93 9.86 -0.12
CA LYS B 117 5.37 10.12 0.02
C LYS B 117 5.93 10.37 -1.39
N PRO B 118 6.93 11.26 -1.49
CA PRO B 118 7.56 11.56 -2.77
C PRO B 118 8.30 10.38 -3.40
N GLU B 119 8.84 9.50 -2.55
CA GLU B 119 9.49 8.28 -2.99
C GLU B 119 8.60 7.47 -3.93
N TYR B 120 7.30 7.45 -3.66
CA TYR B 120 6.40 6.61 -4.45
C TYR B 120 6.21 7.28 -5.81
N LEU B 121 6.26 8.60 -5.85
CA LEU B 121 6.11 9.31 -7.10
C LEU B 121 7.32 9.08 -8.01
N THR B 122 8.52 8.90 -7.46
CA THR B 122 9.67 8.60 -8.29
C THR B 122 9.46 7.36 -9.17
N LEU B 123 8.60 6.46 -8.73
CA LEU B 123 8.33 5.22 -9.46
C LEU B 123 7.48 5.40 -10.70
N LEU B 124 6.56 6.37 -10.70
CA LEU B 124 5.48 6.40 -11.70
C LEU B 124 5.97 6.49 -13.14
N VAL B 125 6.93 7.37 -13.38
CA VAL B 125 7.46 7.60 -14.72
C VAL B 125 8.90 7.16 -14.74
N SER B 126 9.70 7.67 -13.80
CA SER B 126 11.09 7.41 -13.85
C SER B 126 11.41 5.93 -13.63
N GLY B 127 10.87 5.36 -12.58
CA GLY B 127 11.13 3.96 -12.27
C GLY B 127 10.57 2.99 -13.29
N THR B 128 9.33 3.22 -13.73
CA THR B 128 8.71 2.33 -14.70
C THR B 128 9.40 2.40 -16.08
N THR B 129 9.89 3.57 -16.48
CA THR B 129 10.60 3.67 -17.74
C THR B 129 11.87 2.79 -17.70
N ALA B 130 12.64 2.93 -16.62
CA ALA B 130 13.82 2.10 -16.41
C ALA B 130 13.49 0.60 -16.32
N TYR B 131 12.45 0.25 -15.54
CA TYR B 131 12.05 -1.12 -15.36
C TYR B 131 11.61 -1.78 -16.65
N ILE B 132 10.61 -1.18 -17.30
CA ILE B 132 10.03 -1.77 -18.49
C ILE B 132 11.01 -1.86 -19.68
N SER B 133 11.79 -0.81 -19.92
CA SER B 133 12.68 -0.80 -21.06
C SER B 133 13.73 -1.89 -20.86
N LEU B 134 14.31 -1.96 -19.67
CA LEU B 134 15.32 -2.95 -19.41
C LEU B 134 14.76 -4.38 -19.40
N LYS B 135 13.55 -4.57 -18.87
CA LYS B 135 12.97 -5.89 -18.80
C LYS B 135 12.62 -6.38 -20.19
N GLU B 136 11.98 -5.52 -20.99
CA GLU B 136 11.55 -5.88 -22.34
C GLU B 136 12.65 -5.85 -23.43
N LEU B 137 13.66 -4.99 -23.30
CA LEU B 137 14.62 -4.72 -24.39
C LEU B 137 16.10 -4.92 -23.99
N GLY B 138 16.38 -5.11 -22.70
CA GLY B 138 17.75 -5.16 -22.21
C GLY B 138 18.42 -6.49 -22.42
N GLY B 139 17.68 -7.59 -22.33
CA GLY B 139 18.31 -8.93 -22.40
C GLY B 139 19.38 -9.09 -21.31
N LEU B 140 19.13 -8.49 -20.14
CA LEU B 140 20.11 -8.50 -19.07
C LEU B 140 20.31 -9.90 -18.44
N SER B 141 21.54 -10.19 -18.08
CA SER B 141 21.89 -11.45 -17.45
C SER B 141 23.23 -11.23 -16.79
N GLU B 142 23.60 -12.16 -15.91
CA GLU B 142 24.78 -12.00 -15.08
C GLU B 142 26.03 -11.74 -15.92
N GLY B 143 26.80 -10.73 -15.52
CA GLY B 143 28.09 -10.43 -16.14
C GLY B 143 28.06 -9.48 -17.33
N LYS B 144 26.88 -9.16 -17.84
CA LYS B 144 26.78 -8.22 -18.92
C LYS B 144 27.22 -6.84 -18.48
N LYS B 145 27.73 -6.05 -19.43
CA LYS B 145 28.17 -4.69 -19.14
C LYS B 145 27.11 -3.71 -19.59
N VAL B 146 26.61 -2.93 -18.63
CA VAL B 146 25.62 -1.89 -18.88
C VAL B 146 26.20 -0.49 -18.66
N LEU B 147 25.98 0.40 -19.65
CA LEU B 147 26.30 1.83 -19.53
C LEU B 147 25.03 2.64 -19.43
N VAL B 148 24.97 3.50 -18.40
CA VAL B 148 23.82 4.32 -18.09
C VAL B 148 24.32 5.75 -18.14
N THR B 149 23.68 6.55 -18.98
CA THR B 149 23.95 7.98 -18.99
C THR B 149 22.87 8.71 -18.17
N ALA B 150 23.15 9.94 -17.79
CA ALA B 150 22.35 10.68 -16.79
C ALA B 150 22.03 9.75 -15.59
N ALA B 151 23.08 9.08 -15.09
CA ALA B 151 22.94 7.94 -14.19
C ALA B 151 22.51 8.33 -12.78
N ALA B 152 22.79 9.58 -12.39
CA ALA B 152 22.42 10.13 -11.10
C ALA B 152 21.12 10.91 -11.15
N GLY B 153 20.39 10.81 -12.26
CA GLY B 153 19.11 11.54 -12.40
C GLY B 153 17.91 10.68 -12.09
N GLY B 154 16.73 11.18 -12.43
CA GLY B 154 15.47 10.55 -12.04
C GLY B 154 15.27 9.10 -12.47
N THR B 155 15.43 8.82 -13.76
CA THR B 155 15.30 7.48 -14.25
C THR B 155 16.65 6.74 -14.21
N GLY B 156 17.74 7.49 -14.34
CA GLY B 156 19.09 6.93 -14.31
C GLY B 156 19.38 6.09 -13.09
N GLN B 157 18.93 6.56 -11.94
CA GLN B 157 19.15 5.86 -10.69
C GLN B 157 18.52 4.48 -10.67
N PHE B 158 17.38 4.34 -11.35
CA PHE B 158 16.71 3.07 -11.40
C PHE B 158 17.34 2.13 -12.41
N ALA B 159 17.71 2.64 -13.59
CA ALA B 159 18.39 1.84 -14.59
C ALA B 159 19.65 1.25 -13.97
N MET B 160 20.33 2.08 -13.17
CA MET B 160 21.52 1.66 -12.44
C MET B 160 21.25 0.49 -11.46
N GLN B 161 20.28 0.69 -10.57
CA GLN B 161 19.99 -0.25 -9.51
C GLN B 161 19.43 -1.56 -10.05
N LEU B 162 18.51 -1.46 -11.01
CA LEU B 162 17.91 -2.64 -11.59
C LEU B 162 18.96 -3.48 -12.34
N SER B 163 19.89 -2.82 -13.01
CA SER B 163 20.95 -3.52 -13.72
C SER B 163 21.85 -4.23 -12.74
N LYS B 164 22.14 -3.60 -11.61
CA LYS B 164 22.91 -4.24 -10.56
C LYS B 164 22.18 -5.45 -9.97
N LYS B 165 20.88 -5.35 -9.75
CA LYS B 165 20.09 -6.49 -9.24
C LYS B 165 20.07 -7.68 -10.23
N ALA B 166 20.17 -7.35 -11.51
CA ALA B 166 20.30 -8.33 -12.60
C ALA B 166 21.71 -8.90 -12.74
N LYS B 167 22.60 -8.48 -11.83
CA LYS B 167 23.99 -8.97 -11.73
C LYS B 167 24.86 -8.51 -12.90
N CYS B 168 24.54 -7.34 -13.43
CA CYS B 168 25.37 -6.72 -14.46
C CYS B 168 26.48 -5.90 -13.83
N HIS B 169 27.52 -5.67 -14.61
CA HIS B 169 28.61 -4.74 -14.27
C HIS B 169 28.19 -3.39 -14.84
N VAL B 170 28.00 -2.39 -13.98
CA VAL B 170 27.39 -1.13 -14.41
C VAL B 170 28.35 0.08 -14.39
N ILE B 171 28.34 0.80 -15.52
CA ILE B 171 29.03 2.08 -15.70
C ILE B 171 27.99 3.21 -15.75
N GLY B 172 28.28 4.30 -15.06
CA GLY B 172 27.38 5.45 -14.97
C GLY B 172 28.05 6.81 -15.16
N THR B 173 27.43 7.62 -16.02
CA THR B 173 27.92 8.97 -16.29
C THR B 173 27.13 9.98 -15.49
N CYS B 174 27.84 10.98 -15.00
CA CYS B 174 27.24 12.09 -14.27
C CYS B 174 28.16 13.30 -14.39
N SER B 175 27.77 14.46 -13.85
CA SER B 175 28.53 15.70 -14.04
C SER B 175 29.28 16.24 -12.81
N SER B 176 29.31 15.50 -11.71
CA SER B 176 30.04 15.97 -10.52
C SER B 176 30.54 14.86 -9.62
N ASP B 177 31.51 15.19 -8.76
CA ASP B 177 32.06 14.18 -7.83
C ASP B 177 31.02 13.73 -6.78
N GLU B 178 30.14 14.64 -6.37
CA GLU B 178 29.08 14.30 -5.42
C GLU B 178 28.07 13.36 -6.09
N LYS B 179 27.80 13.55 -7.37
CA LYS B 179 26.94 12.60 -8.11
C LYS B 179 27.65 11.25 -8.30
N SER B 180 28.95 11.26 -8.54
CA SER B 180 29.71 10.01 -8.60
C SER B 180 29.67 9.19 -7.29
N ALA B 181 29.71 9.89 -6.16
CA ALA B 181 29.59 9.25 -4.83
C ALA B 181 28.17 8.67 -4.65
N PHE B 182 27.15 9.35 -5.18
CA PHE B 182 25.80 8.83 -5.12
C PHE B 182 25.73 7.54 -5.95
N LEU B 183 26.25 7.58 -7.16
CA LEU B 183 26.34 6.35 -8.00
C LEU B 183 27.09 5.22 -7.31
N LYS B 184 28.22 5.53 -6.70
CA LYS B 184 28.94 4.51 -5.94
C LYS B 184 28.06 3.85 -4.86
N SER B 185 27.27 4.66 -4.16
CA SER B 185 26.47 4.16 -3.04
C SER B 185 25.29 3.30 -3.54
N LEU B 186 24.92 3.47 -4.81
CA LEU B 186 23.93 2.59 -5.45
C LEU B 186 24.57 1.30 -5.99
N GLY B 187 25.88 1.14 -5.83
CA GLY B 187 26.58 -0.08 -6.30
C GLY B 187 27.21 0.01 -7.69
N CYS B 188 27.24 1.22 -8.26
CA CYS B 188 27.87 1.42 -9.58
C CYS B 188 29.33 0.98 -9.58
N ASP B 189 29.69 0.15 -10.56
CA ASP B 189 31.03 -0.40 -10.68
C ASP B 189 32.04 0.63 -11.16
N ARG B 190 31.61 1.50 -12.08
CA ARG B 190 32.49 2.52 -12.64
C ARG B 190 31.73 3.85 -12.88
N PRO B 191 31.63 4.68 -11.82
CA PRO B 191 31.07 6.00 -12.05
C PRO B 191 32.08 6.85 -12.78
N ILE B 192 31.59 7.68 -13.68
CA ILE B 192 32.44 8.58 -14.45
C ILE B 192 31.86 9.98 -14.36
N ASN B 193 32.68 10.92 -13.87
CA ASN B 193 32.36 12.32 -13.92
C ASN B 193 32.88 12.86 -15.26
N TYR B 194 31.95 13.01 -16.20
CA TYR B 194 32.31 13.31 -17.59
C TYR B 194 32.82 14.70 -17.83
N LYS B 195 32.71 15.58 -16.84
CA LYS B 195 33.30 16.92 -16.93
C LYS B 195 34.77 16.87 -16.63
N THR B 196 35.17 15.89 -15.82
CA THR B 196 36.57 15.82 -15.34
C THR B 196 37.35 14.62 -15.89
N GLU B 197 36.68 13.69 -16.55
CA GLU B 197 37.32 12.49 -17.05
C GLU B 197 36.65 12.14 -18.38
N PRO B 198 37.40 12.06 -19.50
CA PRO B 198 36.75 11.81 -20.81
C PRO B 198 36.10 10.43 -20.95
N VAL B 199 34.79 10.41 -21.09
CA VAL B 199 34.05 9.14 -21.14
C VAL B 199 34.62 8.20 -22.22
N GLY B 200 34.97 8.77 -23.39
CA GLY B 200 35.52 8.01 -24.53
C GLY B 200 36.75 7.24 -24.16
N THR B 201 37.69 7.92 -23.50
CA THR B 201 38.92 7.31 -23.08
C THR B 201 38.69 6.23 -22.02
N VAL B 202 37.79 6.47 -21.08
CA VAL B 202 37.48 5.45 -20.09
C VAL B 202 36.99 4.17 -20.75
N LEU B 203 36.05 4.29 -21.69
CA LEU B 203 35.48 3.12 -22.34
C LEU B 203 36.54 2.38 -23.17
N LYS B 204 37.33 3.10 -23.97
CA LYS B 204 38.36 2.46 -24.81
C LYS B 204 39.47 1.78 -23.97
N GLN B 205 39.81 2.35 -22.82
CA GLN B 205 40.88 1.79 -21.99
C GLN B 205 40.45 0.70 -21.01
N GLU B 206 39.24 0.80 -20.47
CA GLU B 206 38.79 -0.14 -19.44
C GLU B 206 37.75 -1.12 -19.99
N TYR B 207 37.14 -0.80 -21.13
CA TYR B 207 36.13 -1.67 -21.77
C TYR B 207 36.38 -1.89 -23.26
N PRO B 208 37.60 -2.37 -23.59
CA PRO B 208 38.03 -2.52 -24.98
C PRO B 208 37.17 -3.48 -25.81
N GLU B 209 36.58 -4.50 -25.18
CA GLU B 209 35.65 -5.41 -25.87
C GLU B 209 34.22 -4.85 -25.92
N GLY B 210 34.04 -3.68 -25.29
CA GLY B 210 32.86 -2.88 -25.41
C GLY B 210 31.83 -3.17 -24.32
N VAL B 211 30.66 -2.55 -24.47
CA VAL B 211 29.57 -2.72 -23.54
C VAL B 211 28.38 -3.40 -24.22
N ASP B 212 27.63 -4.19 -23.44
CA ASP B 212 26.54 -4.97 -24.00
C ASP B 212 25.24 -4.19 -24.13
N VAL B 213 24.99 -3.26 -23.23
CA VAL B 213 23.75 -2.51 -23.19
C VAL B 213 24.02 -1.07 -22.79
N VAL B 214 23.33 -0.14 -23.46
CA VAL B 214 23.40 1.28 -23.13
C VAL B 214 22.00 1.83 -22.87
N TYR B 215 21.84 2.44 -21.71
CA TYR B 215 20.61 3.12 -21.38
C TYR B 215 20.96 4.58 -21.64
N GLU B 216 20.58 5.08 -22.81
CA GLU B 216 21.09 6.35 -23.30
C GLU B 216 19.98 7.42 -23.25
N SER B 217 20.18 8.41 -22.38
CA SER B 217 19.24 9.48 -22.10
C SER B 217 19.68 10.87 -22.61
N VAL B 218 20.91 10.98 -23.12
CA VAL B 218 21.56 12.31 -23.28
C VAL B 218 21.61 12.80 -24.72
N GLY B 219 22.03 11.91 -25.61
CA GLY B 219 22.10 12.18 -27.03
C GLY B 219 23.41 12.79 -27.44
N GLY B 220 23.46 13.29 -28.66
CA GLY B 220 24.63 14.00 -29.17
C GLY B 220 25.94 13.23 -29.09
N ALA B 221 26.96 13.90 -28.58
CA ALA B 221 28.29 13.36 -28.44
C ALA B 221 28.28 12.10 -27.60
N MET B 222 27.44 12.07 -26.57
CA MET B 222 27.35 10.89 -25.71
C MET B 222 26.79 9.70 -26.46
N PHE B 223 25.73 9.92 -27.24
CA PHE B 223 25.19 8.88 -28.08
C PHE B 223 26.27 8.35 -29.00
N ASP B 224 27.02 9.26 -29.61
CA ASP B 224 28.08 8.86 -30.53
C ASP B 224 29.13 7.96 -29.86
N LEU B 225 29.56 8.35 -28.67
CA LEU B 225 30.52 7.58 -27.86
C LEU B 225 29.93 6.20 -27.54
N ALA B 226 28.65 6.18 -27.20
CA ALA B 226 27.96 4.94 -26.81
C ALA B 226 28.00 3.95 -27.97
N VAL B 227 27.64 4.42 -29.18
CA VAL B 227 27.71 3.60 -30.39
C VAL B 227 29.09 2.97 -30.59
N ASP B 228 30.14 3.78 -30.53
CA ASP B 228 31.49 3.29 -30.72
C ASP B 228 31.83 2.24 -29.68
N ALA B 229 31.25 2.36 -28.50
CA ALA B 229 31.58 1.50 -27.33
C ALA B 229 30.83 0.15 -27.30
N LEU B 230 29.81 -0.03 -28.14
CA LEU B 230 29.04 -1.27 -28.17
C LEU B 230 29.89 -2.47 -28.49
N ALA B 231 29.67 -3.54 -27.73
CA ALA B 231 30.27 -4.84 -27.98
C ALA B 231 29.54 -5.45 -29.17
N THR B 232 30.12 -6.49 -29.72
CA THR B 232 29.46 -7.34 -30.70
C THR B 232 28.13 -7.78 -30.11
N LYS B 233 27.06 -7.63 -30.89
CA LYS B 233 25.69 -7.89 -30.44
C LYS B 233 25.16 -6.93 -29.37
N GLY B 234 25.87 -5.83 -29.14
CA GLY B 234 25.40 -4.83 -28.20
C GLY B 234 24.12 -4.13 -28.63
N ARG B 235 23.41 -3.58 -27.66
CA ARG B 235 22.19 -2.84 -27.92
C ARG B 235 22.20 -1.48 -27.21
N LEU B 236 21.90 -0.45 -27.97
CA LEU B 236 21.83 0.88 -27.41
C LEU B 236 20.35 1.20 -27.35
N ILE B 237 19.86 1.46 -26.14
CA ILE B 237 18.47 1.82 -25.94
C ILE B 237 18.37 3.32 -25.89
N VAL B 238 17.62 3.88 -26.83
CA VAL B 238 17.36 5.30 -26.83
C VAL B 238 16.16 5.59 -25.95
N ILE B 239 16.46 6.02 -24.75
CA ILE B 239 15.48 6.43 -23.73
C ILE B 239 15.10 7.91 -23.96
N GLY B 240 16.07 8.70 -24.40
CA GLY B 240 15.89 10.11 -24.68
C GLY B 240 17.18 10.76 -25.19
N PHE B 241 17.14 12.06 -25.42
CA PHE B 241 18.30 12.81 -25.87
C PHE B 241 18.22 14.26 -25.32
N ILE B 242 18.32 14.36 -24.00
CA ILE B 242 18.06 15.61 -23.28
C ILE B 242 18.94 16.80 -23.76
N SER B 243 20.13 16.53 -24.29
CA SER B 243 21.01 17.59 -24.85
C SER B 243 20.36 18.38 -25.98
N GLY B 244 19.37 17.79 -26.66
CA GLY B 244 18.69 18.48 -27.75
C GLY B 244 17.40 19.21 -27.44
N TYR B 245 16.80 18.97 -26.27
CA TYR B 245 15.41 19.41 -26.07
C TYR B 245 15.23 20.93 -26.04
N GLN B 246 16.24 21.67 -25.58
CA GLN B 246 16.11 23.12 -25.48
C GLN B 246 16.19 23.82 -26.84
N THR B 247 16.71 23.13 -27.85
CA THR B 247 16.98 23.73 -29.15
C THR B 247 15.65 23.91 -29.91
N PRO B 248 15.69 24.66 -31.01
CA PRO B 248 14.46 24.88 -31.77
C PRO B 248 13.79 23.62 -32.34
N THR B 249 14.57 22.65 -32.79
CA THR B 249 13.96 21.44 -33.31
C THR B 249 13.67 20.38 -32.23
N GLY B 250 14.41 20.44 -31.12
CA GLY B 250 14.33 19.43 -30.05
C GLY B 250 15.37 18.34 -30.18
N LEU B 251 16.15 18.39 -31.26
CA LEU B 251 17.09 17.35 -31.62
C LEU B 251 18.56 17.74 -31.32
N SER B 252 19.41 16.74 -31.11
CA SER B 252 20.84 16.97 -30.84
C SER B 252 21.60 16.29 -31.98
N PRO B 253 22.64 16.93 -32.52
CA PRO B 253 23.31 16.30 -33.70
C PRO B 253 24.04 14.99 -33.35
N VAL B 254 23.82 13.96 -34.14
CA VAL B 254 24.54 12.70 -33.97
C VAL B 254 25.26 12.30 -35.27
N LYS B 255 26.28 11.47 -35.14
CA LYS B 255 27.03 10.98 -36.29
C LYS B 255 26.28 9.79 -36.87
N ALA B 256 25.30 10.07 -37.73
CA ALA B 256 24.36 9.05 -38.15
C ALA B 256 24.68 8.44 -39.52
N GLY B 257 25.45 9.16 -40.33
CA GLY B 257 25.84 8.70 -41.68
C GLY B 257 26.58 7.37 -41.72
N THR B 258 27.48 7.14 -40.78
CA THR B 258 28.17 5.86 -40.65
C THR B 258 27.48 4.88 -39.68
N LEU B 259 26.31 5.25 -39.14
CA LEU B 259 25.69 4.41 -38.12
C LEU B 259 25.24 3.04 -38.66
N PRO B 260 24.53 2.99 -39.79
CA PRO B 260 24.20 1.63 -40.30
C PRO B 260 25.44 0.73 -40.52
N ALA B 261 26.53 1.31 -41.02
CA ALA B 261 27.78 0.57 -41.20
C ALA B 261 28.29 0.01 -39.87
N LYS B 262 28.27 0.83 -38.82
CA LYS B 262 28.82 0.41 -37.51
C LYS B 262 27.96 -0.71 -36.90
N LEU B 263 26.64 -0.62 -37.09
CA LEU B 263 25.73 -1.60 -36.51
C LEU B 263 25.89 -2.94 -37.24
N LEU B 264 25.97 -2.90 -38.56
CA LEU B 264 26.22 -4.12 -39.34
C LEU B 264 27.51 -4.78 -38.85
N LYS B 265 28.61 -4.04 -38.79
CA LYS B 265 29.92 -4.61 -38.45
C LYS B 265 30.03 -5.26 -37.07
N LYS B 266 29.12 -4.85 -36.16
CA LYS B 266 29.09 -5.35 -34.80
C LYS B 266 27.82 -6.18 -34.56
N SER B 267 27.00 -6.44 -35.58
CA SER B 267 25.68 -7.01 -35.38
C SER B 267 24.96 -6.35 -34.18
N ALA B 268 25.06 -5.02 -34.07
CA ALA B 268 24.55 -4.31 -32.90
C ALA B 268 23.27 -3.60 -33.26
N SER B 269 22.58 -3.08 -32.23
CA SER B 269 21.27 -2.41 -32.50
C SER B 269 21.12 -1.12 -31.74
N VAL B 270 20.22 -0.26 -32.25
CA VAL B 270 19.79 0.97 -31.60
C VAL B 270 18.28 0.80 -31.53
N GLN B 271 17.73 0.84 -30.31
CA GLN B 271 16.35 0.48 -30.07
C GLN B 271 15.72 1.64 -29.33
N GLY B 272 14.65 2.21 -29.86
CA GLY B 272 14.00 3.29 -29.17
C GLY B 272 13.06 2.68 -28.15
N PHE B 273 12.72 3.47 -27.13
CA PHE B 273 11.68 3.09 -26.16
C PHE B 273 10.76 4.28 -25.86
N PHE B 274 9.44 4.13 -26.06
CA PHE B 274 8.46 5.13 -25.62
C PHE B 274 7.50 4.48 -24.61
N LEU B 275 7.47 5.01 -23.41
CA LEU B 275 6.70 4.43 -22.31
C LEU B 275 5.25 4.12 -22.65
N ASN B 276 4.58 4.98 -23.41
CA ASN B 276 3.18 4.77 -23.72
C ASN B 276 2.89 3.65 -24.69
N HIS B 277 3.93 3.02 -25.22
CA HIS B 277 3.77 1.83 -26.06
C HIS B 277 3.82 0.52 -25.27
N TYR B 278 4.15 0.61 -23.98
CA TYR B 278 4.33 -0.55 -23.11
C TYR B 278 3.45 -0.50 -21.88
N LEU B 279 2.26 0.08 -22.03
CA LEU B 279 1.35 0.29 -20.91
C LEU B 279 0.75 -1.02 -20.37
N SER B 280 0.60 -2.02 -21.24
CA SER B 280 0.25 -3.39 -20.82
C SER B 280 1.22 -3.97 -19.77
N LYS B 281 2.44 -3.43 -19.68
CA LYS B 281 3.42 -3.85 -18.68
C LYS B 281 3.47 -2.95 -17.43
N TYR B 282 2.70 -1.87 -17.43
CA TYR B 282 2.87 -0.80 -16.42
C TYR B 282 2.44 -1.23 -15.00
N GLN B 283 1.26 -1.83 -14.87
CA GLN B 283 0.75 -2.23 -13.53
C GLN B 283 1.70 -3.18 -12.81
N ALA B 284 2.24 -4.14 -13.57
CA ALA B 284 3.08 -5.14 -12.99
C ALA B 284 4.44 -4.54 -12.59
N ALA B 285 5.00 -3.66 -13.43
CA ALA B 285 6.24 -2.94 -13.11
C ALA B 285 6.09 -2.11 -11.85
N MET B 286 5.04 -1.32 -11.82
CA MET B 286 4.71 -0.46 -10.69
C MET B 286 4.52 -1.27 -9.40
N SER B 287 3.81 -2.38 -9.49
CA SER B 287 3.61 -3.23 -8.32
C SER B 287 4.93 -3.80 -7.77
N HIS B 288 5.86 -4.14 -8.64
CA HIS B 288 7.14 -4.67 -8.23
C HIS B 288 8.05 -3.57 -7.67
N LEU B 289 8.03 -2.41 -8.32
CA LEU B 289 8.81 -1.26 -7.91
C LEU B 289 8.42 -0.79 -6.52
N LEU B 290 7.12 -0.74 -6.28
CA LEU B 290 6.59 -0.40 -4.97
C LEU B 290 7.01 -1.41 -3.91
N GLU B 291 7.00 -2.71 -4.21
CA GLU B 291 7.42 -3.72 -3.22
C GLU B 291 8.89 -3.53 -2.82
N MET B 292 9.74 -3.33 -3.81
CA MET B 292 11.13 -2.96 -3.58
C MET B 292 11.31 -1.65 -2.80
N CYS B 293 10.54 -0.64 -3.15
CA CYS B 293 10.60 0.63 -2.44
C CYS B 293 10.27 0.48 -0.96
N VAL B 294 9.10 -0.08 -0.66
CA VAL B 294 8.64 -0.18 0.72
C VAL B 294 9.52 -1.09 1.55
N SER B 295 10.09 -2.13 0.93
CA SER B 295 10.93 -3.07 1.67
CA SER B 295 10.94 -3.10 1.62
C SER B 295 12.34 -2.55 1.89
N GLY B 296 12.63 -1.33 1.41
CA GLY B 296 13.96 -0.78 1.49
C GLY B 296 14.98 -1.43 0.55
N ASP B 297 14.53 -2.14 -0.49
CA ASP B 297 15.43 -2.76 -1.45
C ASP B 297 15.67 -1.87 -2.68
N LEU B 298 15.14 -0.65 -2.69
CA LEU B 298 15.37 0.27 -3.81
C LEU B 298 15.60 1.68 -3.30
N VAL B 299 16.71 2.31 -3.67
CA VAL B 299 16.89 3.71 -3.30
C VAL B 299 16.04 4.52 -4.29
N CYS B 300 15.12 5.32 -3.76
CA CYS B 300 14.29 6.19 -4.56
C CYS B 300 14.60 7.66 -4.24
N GLU B 301 15.71 8.17 -4.78
CA GLU B 301 16.20 9.48 -4.36
C GLU B 301 15.31 10.59 -4.94
N VAL B 302 14.92 11.49 -4.04
CA VAL B 302 14.08 12.63 -4.31
C VAL B 302 14.90 13.92 -4.13
N ASP B 303 14.88 14.77 -5.17
CA ASP B 303 15.49 16.09 -5.08
C ASP B 303 14.38 17.15 -5.03
N LEU B 304 14.09 17.63 -3.82
CA LEU B 304 13.01 18.61 -3.61
C LEU B 304 13.55 20.01 -3.62
N GLY B 305 14.81 20.15 -4.03
CA GLY B 305 15.43 21.48 -4.18
C GLY B 305 15.97 22.08 -2.90
N ASP B 306 15.96 21.30 -1.82
CA ASP B 306 16.39 21.76 -0.50
C ASP B 306 17.78 22.40 -0.51
N LEU B 307 18.62 22.07 -1.49
CA LEU B 307 19.94 22.64 -1.60
C LEU B 307 20.10 23.51 -2.87
N SER B 308 19.00 23.86 -3.55
CA SER B 308 19.04 24.78 -4.71
C SER B 308 19.31 26.24 -4.26
N PRO B 309 19.44 27.18 -5.24
CA PRO B 309 19.75 28.55 -4.77
C PRO B 309 18.64 29.11 -3.87
N GLU B 310 17.41 29.04 -4.38
CA GLU B 310 16.27 29.63 -3.69
C GLU B 310 15.59 28.59 -2.78
N GLY B 311 16.22 27.44 -2.58
CA GLY B 311 15.73 26.43 -1.65
C GLY B 311 14.59 25.56 -2.18
N ARG B 312 13.90 24.92 -1.26
CA ARG B 312 12.93 23.88 -1.56
C ARG B 312 11.88 24.31 -2.57
N PHE B 313 11.61 23.41 -3.52
CA PHE B 313 10.61 23.63 -4.55
C PHE B 313 9.22 23.51 -3.94
N THR B 314 8.73 24.64 -3.50
CA THR B 314 7.40 24.68 -2.91
C THR B 314 6.46 25.55 -3.72
N GLY B 315 5.32 25.00 -4.10
CA GLY B 315 4.29 25.76 -4.81
C GLY B 315 4.43 25.58 -6.31
N LEU B 316 3.33 25.79 -7.02
CA LEU B 316 3.31 25.65 -8.48
C LEU B 316 4.35 26.58 -9.11
N GLU B 317 4.51 27.79 -8.55
CA GLU B 317 5.50 28.76 -9.04
C GLU B 317 6.95 28.23 -9.03
N SER B 318 7.28 27.34 -8.12
CA SER B 318 8.63 26.77 -8.08
C SER B 318 8.91 25.84 -9.23
N ILE B 319 7.86 25.38 -9.93
CA ILE B 319 8.06 24.50 -11.09
C ILE B 319 8.96 25.16 -12.13
N PHE B 320 8.83 26.46 -12.34
CA PHE B 320 9.73 27.17 -13.23
C PHE B 320 11.22 27.03 -12.82
N ARG B 321 11.53 27.18 -11.53
CA ARG B 321 12.94 27.06 -11.09
C ARG B 321 13.40 25.62 -11.20
N ALA B 322 12.46 24.70 -10.95
CA ALA B 322 12.77 23.26 -10.90
C ALA B 322 13.15 22.74 -12.27
N VAL B 323 12.39 23.13 -13.30
CA VAL B 323 12.78 22.90 -14.70
C VAL B 323 14.17 23.49 -15.00
N ASN B 324 14.44 24.72 -14.59
CA ASN B 324 15.76 25.32 -14.83
C ASN B 324 16.90 24.53 -14.17
N TYR B 325 16.64 24.07 -12.95
CA TYR B 325 17.54 23.25 -12.16
C TYR B 325 17.94 21.96 -12.87
N MET B 326 16.97 21.26 -13.45
CA MET B 326 17.27 20.05 -14.24
C MET B 326 18.19 20.39 -15.39
N TYR B 327 17.80 21.38 -16.20
CA TYR B 327 18.60 21.74 -17.39
C TYR B 327 19.95 22.39 -17.07
N MET B 328 20.16 22.78 -15.82
CA MET B 328 21.51 23.19 -15.37
C MET B 328 22.31 21.99 -14.90
N GLY B 329 21.65 20.84 -14.88
CA GLY B 329 22.27 19.57 -14.50
C GLY B 329 22.56 19.41 -13.02
N LYS B 330 21.78 20.07 -12.16
CA LYS B 330 22.15 20.18 -10.75
C LYS B 330 21.48 19.14 -9.83
N ASN B 331 20.48 18.43 -10.33
CA ASN B 331 19.76 17.46 -9.51
C ASN B 331 20.45 16.11 -9.34
N THR B 332 20.22 15.52 -8.18
CA THR B 332 20.56 14.14 -7.88
C THR B 332 19.28 13.41 -7.51
N GLY B 333 18.93 12.42 -8.32
CA GLY B 333 17.63 11.78 -8.24
C GLY B 333 16.54 12.54 -8.98
N LYS B 334 15.30 12.21 -8.64
CA LYS B 334 14.09 12.74 -9.26
C LYS B 334 13.67 14.10 -8.69
N ILE B 335 13.54 15.10 -9.58
CA ILE B 335 13.02 16.42 -9.22
C ILE B 335 11.54 16.35 -8.91
N VAL B 336 11.21 16.81 -7.71
CA VAL B 336 9.85 16.77 -7.23
C VAL B 336 9.53 18.12 -6.62
N VAL B 337 8.29 18.55 -6.81
CA VAL B 337 7.82 19.84 -6.31
C VAL B 337 6.73 19.55 -5.33
N GLU B 338 6.76 20.20 -4.18
CA GLU B 338 5.67 20.00 -3.23
C GLU B 338 4.65 21.13 -3.21
N LEU B 339 3.37 20.76 -3.13
CA LEU B 339 2.26 21.69 -3.03
C LEU B 339 1.65 21.60 -1.62
N PRO B 340 2.02 22.51 -0.71
CA PRO B 340 1.52 22.41 0.68
C PRO B 340 0.03 22.74 0.80
N HIS B 341 -0.72 21.94 1.56
CA HIS B 341 -2.18 22.15 1.71
C HIS B 341 -2.61 22.21 3.18
#